data_7R0A
#
_entry.id   7R0A
#
_cell.length_a   77.848
_cell.length_b   108.968
_cell.length_c   227.813
_cell.angle_alpha   90.000
_cell.angle_beta   90.000
_cell.angle_gamma   90.000
#
_symmetry.space_group_name_H-M   'P 21 21 21'
#
loop_
_entity.id
_entity.type
_entity.pdbx_description
1 polymer Acetylcholinesterase
2 non-polymer ~{N}-ethyl-4-methyl-3-nitro-benzamide
3 non-polymer 2-acetamido-2-deoxy-beta-D-glucopyranose
4 non-polymer 2-(2-METHOXYETHOXY)ETHANOL
5 non-polymer 2,5,8,11,14,17-HEXAOXANONADECAN-19-OL
6 non-polymer 2-[2-(2-METHOXY-ETHOXY)-ETHOXY]-ETHOXYL
7 water water
#
_entity_poly.entity_id   1
_entity_poly.type   'polypeptide(L)'
_entity_poly.pdbx_seq_one_letter_code
;EGREDPQLLVRVRGGQLRGIRLKAPGGPVSAFLGIPFAEPPVGSRRFMPPEPKRPWSGVLDATTFQNVCYQYVDTLYPGF
EGTEMWNPNRELSEDCLYLNVWTPYPRPASPTPVLIWIYGGGFYSGAASLDVYDGRFLAQVEGAVLVSMNYRVGTFGFLA
LPGSREAPGNVGLLDQRLALQWVQENIAAFGGDPMSVTLFGE(SGB)AGAASVGMHILSLPSRSLFHRAVLQSGTPNGPW
ATVSAGEARRRATLLARLVGCPPGGAGGNDTELIACLRTRPAQDLVDHEWHVLPQESIFRFSFVPVVDGDFLSDTPEALI
NTGDFQDLQVLVGVVKDEGSYFLVYGVPGFSKDNESLISRAQFLAGVRIGVPQASDLAAEAVVLHYTDWLHPEDPTHLRD
AMSAVVGDHNVVCPVAQLAGRLAAQGARVYAYIFEHRASTLTWPLWMGVPHGYEIEFIFGLPLDPSLNYTTEERIFAQRL
MKYWTNFARTGDPNDPRDSKSPQWPPYTTAAQQYVSLNLKPLEVRRGLRAQTCAFWNRFLPKLLSAT
;
_entity_poly.pdbx_strand_id   A,B
#
# COMPACT_ATOMS: atom_id res chain seq x y z
N GLU A 1 29.24 -63.23 -10.88
CA GLU A 1 28.84 -62.05 -11.66
C GLU A 1 28.96 -62.38 -13.15
N GLY A 2 30.20 -62.57 -13.59
CA GLY A 2 30.47 -63.06 -14.93
C GLY A 2 30.28 -62.14 -16.11
N ARG A 3 29.02 -61.93 -16.50
CA ARG A 3 28.71 -61.38 -17.81
C ARG A 3 27.99 -60.05 -17.74
N GLU A 4 28.02 -59.42 -16.58
CA GLU A 4 27.37 -58.12 -16.38
C GLU A 4 28.27 -56.98 -16.88
N ASP A 5 27.71 -55.78 -17.03
CA ASP A 5 28.55 -54.62 -17.27
C ASP A 5 29.30 -54.29 -15.98
N PRO A 6 30.64 -54.37 -16.02
CA PRO A 6 31.43 -54.18 -14.80
C PRO A 6 31.50 -52.73 -14.31
N GLN A 7 30.88 -51.80 -15.03
CA GLN A 7 30.86 -50.41 -14.56
C GLN A 7 29.57 -50.11 -13.78
N LEU A 8 28.73 -51.12 -13.63
CA LEU A 8 27.47 -50.95 -12.92
C LEU A 8 27.39 -51.76 -11.62
N LEU A 9 28.50 -52.34 -11.18
CA LEU A 9 28.52 -53.02 -9.89
C LEU A 9 29.27 -52.18 -8.87
N VAL A 10 28.60 -51.86 -7.78
CA VAL A 10 29.11 -50.95 -6.76
C VAL A 10 28.74 -51.50 -5.39
N ARG A 11 29.59 -51.28 -4.38
CA ARG A 11 29.27 -51.71 -3.01
C ARG A 11 29.03 -50.51 -2.10
N VAL A 12 28.01 -50.63 -1.24
CA VAL A 12 27.73 -49.61 -0.23
C VAL A 12 27.66 -50.30 1.13
N ARG A 13 27.50 -49.53 2.21
CA ARG A 13 27.55 -50.08 3.57
C ARG A 13 26.55 -51.21 3.79
N GLY A 14 25.51 -51.27 2.97
CA GLY A 14 24.48 -52.26 3.13
C GLY A 14 24.67 -53.50 2.30
N GLY A 15 25.54 -53.41 1.28
CA GLY A 15 25.86 -54.55 0.44
C GLY A 15 26.16 -54.17 -0.99
N GLN A 16 26.06 -55.14 -1.88
CA GLN A 16 26.37 -54.92 -3.29
C GLN A 16 25.17 -54.42 -4.09
N LEU A 17 25.44 -53.63 -5.12
CA LEU A 17 24.38 -53.10 -5.99
C LEU A 17 24.69 -53.28 -7.45
N ARG A 18 23.67 -53.64 -8.22
CA ARG A 18 23.72 -53.56 -9.68
C ARG A 18 22.85 -52.39 -10.18
N GLY A 19 23.49 -51.42 -10.82
CA GLY A 19 22.77 -50.33 -11.46
C GLY A 19 22.45 -50.54 -12.93
N ILE A 20 22.10 -49.46 -13.60
CA ILE A 20 21.72 -49.55 -15.00
C ILE A 20 22.38 -48.44 -15.80
N ARG A 21 22.63 -48.74 -17.07
CA ARG A 21 23.22 -47.78 -17.98
C ARG A 21 22.10 -47.11 -18.77
N LEU A 22 21.86 -45.83 -18.52
CA LEU A 22 20.73 -45.15 -19.17
C LEU A 22 21.18 -44.25 -20.33
N LYS A 23 20.33 -44.16 -21.36
CA LYS A 23 20.59 -43.22 -22.45
C LYS A 23 20.13 -41.82 -22.08
N ALA A 24 21.06 -40.87 -22.11
CA ALA A 24 20.71 -39.46 -22.15
C ALA A 24 21.09 -38.97 -23.53
N PRO A 25 20.44 -37.91 -24.01
CA PRO A 25 20.66 -37.41 -25.37
C PRO A 25 22.12 -37.34 -25.79
N GLY A 26 23.00 -36.89 -24.91
CA GLY A 26 24.41 -36.77 -25.27
C GLY A 26 25.30 -37.97 -25.01
N GLY A 27 24.72 -39.07 -24.53
CA GLY A 27 25.51 -40.23 -24.17
C GLY A 27 24.95 -40.94 -22.95
N PRO A 28 25.69 -41.90 -22.40
CA PRO A 28 25.20 -42.78 -21.34
C PRO A 28 25.41 -42.21 -19.94
N VAL A 29 24.52 -42.60 -19.04
CA VAL A 29 24.67 -42.27 -17.63
C VAL A 29 24.47 -43.51 -16.79
N SER A 30 25.05 -43.50 -15.60
CA SER A 30 24.86 -44.59 -14.66
C SER A 30 23.69 -44.25 -13.74
N ALA A 31 22.83 -45.23 -13.49
CA ALA A 31 21.74 -45.03 -12.54
C ALA A 31 21.65 -46.17 -11.56
N PHE A 32 21.59 -45.81 -10.29
CA PHE A 32 21.35 -46.78 -9.23
C PHE A 32 20.06 -46.40 -8.53
N LEU A 33 18.98 -47.05 -8.92
CA LEU A 33 17.65 -46.73 -8.48
C LEU A 33 17.11 -47.73 -7.46
N GLY A 34 16.50 -47.22 -6.40
CA GLY A 34 15.85 -48.07 -5.41
C GLY A 34 16.77 -48.57 -4.30
N ILE A 35 17.82 -47.82 -4.00
CA ILE A 35 18.69 -48.16 -2.89
C ILE A 35 18.02 -47.93 -1.54
N PRO A 36 17.81 -49.00 -0.77
CA PRO A 36 17.18 -48.88 0.55
C PRO A 36 18.13 -48.27 1.56
N PHE A 37 17.68 -47.25 2.29
CA PHE A 37 18.58 -46.60 3.23
C PHE A 37 18.09 -46.65 4.66
N ALA A 38 16.90 -47.23 4.85
CA ALA A 38 16.32 -47.41 6.19
C ALA A 38 15.55 -48.72 6.28
N GLU A 39 15.38 -49.25 7.51
CA GLU A 39 14.44 -50.34 7.72
C GLU A 39 13.05 -49.85 7.38
N PRO A 40 12.34 -50.59 6.52
CA PRO A 40 10.96 -50.26 6.14
C PRO A 40 10.12 -49.88 7.36
N PRO A 41 9.69 -48.61 7.43
CA PRO A 41 8.95 -48.08 8.57
C PRO A 41 7.51 -48.56 8.61
N VAL A 42 7.31 -49.84 8.87
CA VAL A 42 5.99 -50.44 8.82
C VAL A 42 5.62 -51.02 10.19
N GLY A 43 4.39 -51.52 10.30
CA GLY A 43 3.93 -52.14 11.53
C GLY A 43 4.16 -51.25 12.74
N SER A 44 4.87 -51.78 13.72
CA SER A 44 5.12 -51.06 14.95
C SER A 44 6.07 -49.88 14.75
N ARG A 45 6.69 -49.80 13.57
CA ARG A 45 7.56 -48.69 13.26
C ARG A 45 6.85 -47.50 12.57
N ARG A 46 5.55 -47.59 12.37
CA ARG A 46 4.82 -46.45 11.81
C ARG A 46 4.81 -45.27 12.79
N PHE A 47 4.95 -44.07 12.25
CA PHE A 47 5.13 -42.80 12.99
C PHE A 47 6.45 -42.70 13.73
N MET A 48 7.27 -43.75 13.65
CA MET A 48 8.55 -43.77 14.34
C MET A 48 9.72 -43.27 13.49
N PRO A 49 10.77 -42.78 14.14
CA PRO A 49 12.00 -42.39 13.43
C PRO A 49 12.62 -43.56 12.68
N PRO A 50 13.24 -43.26 11.53
CA PRO A 50 13.87 -44.30 10.71
C PRO A 50 15.08 -44.91 11.40
N GLU A 51 15.20 -46.23 11.26
CA GLU A 51 16.40 -46.95 11.61
C GLU A 51 17.23 -47.19 10.35
N PRO A 52 18.56 -47.11 10.46
CA PRO A 52 19.45 -47.48 9.34
C PRO A 52 19.14 -48.86 8.74
N LYS A 53 19.31 -49.00 7.44
CA LYS A 53 18.99 -50.25 6.75
C LYS A 53 19.91 -51.36 7.18
N ARG A 54 19.33 -52.49 7.60
CA ARG A 54 20.14 -53.65 7.97
C ARG A 54 20.73 -54.28 6.71
N PRO A 55 22.04 -54.57 6.73
CA PRO A 55 22.80 -55.01 5.55
C PRO A 55 22.22 -56.26 4.89
N TRP A 56 22.17 -56.29 3.56
CA TRP A 56 21.62 -57.43 2.84
C TRP A 56 22.66 -58.40 2.21
N SER A 57 22.16 -59.54 1.74
CA SER A 57 23.02 -60.55 1.13
C SER A 57 22.80 -60.58 -0.38
N GLY A 58 23.88 -60.84 -1.10
CA GLY A 58 23.81 -60.88 -2.54
C GLY A 58 23.84 -59.51 -3.18
N VAL A 59 23.69 -59.51 -4.50
CA VAL A 59 23.63 -58.27 -5.24
C VAL A 59 22.18 -57.80 -5.32
N LEU A 60 21.94 -56.62 -4.76
CA LEU A 60 20.62 -56.01 -4.84
C LEU A 60 20.41 -55.40 -6.22
N ASP A 61 19.30 -55.75 -6.87
CA ASP A 61 19.01 -55.12 -8.14
C ASP A 61 18.56 -53.67 -7.91
N ALA A 62 19.23 -52.75 -8.57
CA ALA A 62 18.95 -51.32 -8.41
C ALA A 62 18.73 -50.63 -9.75
N THR A 63 17.82 -51.18 -10.55
CA THR A 63 17.64 -50.72 -11.93
C THR A 63 16.27 -50.09 -12.17
N THR A 64 15.39 -50.20 -11.18
CA THR A 64 14.05 -49.66 -11.29
C THR A 64 13.74 -48.79 -10.08
N PHE A 65 12.86 -47.81 -10.25
CA PHE A 65 12.45 -47.01 -9.11
C PHE A 65 11.64 -47.88 -8.14
N GLN A 66 11.83 -47.67 -6.85
CA GLN A 66 11.08 -48.39 -5.81
C GLN A 66 9.75 -47.70 -5.42
N ASN A 67 9.00 -48.33 -4.51
CA ASN A 67 7.70 -47.81 -4.07
C ASN A 67 7.65 -46.36 -3.64
N VAL A 68 6.51 -45.74 -3.90
CA VAL A 68 6.28 -44.38 -3.49
C VAL A 68 5.64 -44.37 -2.11
N CYS A 69 6.14 -43.49 -1.24
CA CYS A 69 5.60 -43.37 0.11
C CYS A 69 4.10 -43.14 0.08
N TYR A 70 3.39 -43.81 0.97
CA TYR A 70 1.93 -43.82 0.92
C TYR A 70 1.39 -42.39 1.05
N GLN A 71 0.45 -42.04 0.18
CA GLN A 71 0.03 -40.65 0.09
C GLN A 71 -1.32 -40.42 -0.60
N TYR A 72 -1.87 -39.24 -0.37
CA TYR A 72 -3.08 -38.79 -1.08
C TYR A 72 -2.82 -38.69 -2.56
N VAL A 73 -3.76 -39.17 -3.36
CA VAL A 73 -3.64 -39.00 -4.80
C VAL A 73 -4.64 -37.96 -5.30
N ASP A 74 -4.09 -36.93 -5.93
CA ASP A 74 -4.86 -35.83 -6.48
C ASP A 74 -5.86 -36.30 -7.54
N THR A 75 -7.11 -35.88 -7.41
CA THR A 75 -8.15 -36.28 -8.36
C THR A 75 -8.96 -35.10 -8.85
N LEU A 76 -8.40 -33.90 -8.67
CA LEU A 76 -9.05 -32.68 -9.12
C LEU A 76 -9.41 -32.74 -10.61
N TYR A 77 -8.42 -33.03 -11.45
CA TYR A 77 -8.64 -33.14 -12.90
C TYR A 77 -8.10 -34.48 -13.39
N PRO A 78 -8.89 -35.54 -13.23
CA PRO A 78 -8.41 -36.88 -13.56
C PRO A 78 -8.04 -37.04 -15.04
N GLY A 79 -6.83 -37.54 -15.31
CA GLY A 79 -6.37 -37.75 -16.67
C GLY A 79 -5.61 -36.57 -17.27
N PHE A 80 -5.76 -35.41 -16.67
CA PHE A 80 -5.16 -34.18 -17.16
C PHE A 80 -3.69 -34.19 -16.84
N GLU A 81 -2.86 -33.88 -17.82
CA GLU A 81 -1.42 -34.04 -17.65
C GLU A 81 -0.90 -33.14 -16.54
N GLY A 82 -1.46 -31.95 -16.45
CA GLY A 82 -0.96 -30.95 -15.52
C GLY A 82 -0.96 -31.36 -14.06
N THR A 83 -1.93 -32.18 -13.64
CA THR A 83 -1.93 -32.67 -12.28
C THR A 83 -1.37 -34.08 -12.18
N GLU A 84 -1.61 -34.89 -13.22
CA GLU A 84 -1.19 -36.27 -13.23
C GLU A 84 0.34 -36.40 -13.13
N MET A 85 1.06 -35.47 -13.74
CA MET A 85 2.54 -35.48 -13.70
C MET A 85 3.12 -35.39 -12.28
N TRP A 86 2.35 -34.96 -11.30
CA TRP A 86 2.84 -34.88 -9.92
C TRP A 86 2.44 -36.13 -9.17
N ASN A 87 1.44 -36.82 -9.69
CA ASN A 87 0.92 -38.02 -9.06
C ASN A 87 1.95 -39.16 -9.01
N PRO A 88 1.82 -40.07 -8.03
CA PRO A 88 2.78 -41.18 -7.86
C PRO A 88 2.85 -42.08 -9.08
N ASN A 89 4.06 -42.44 -9.52
CA ASN A 89 4.22 -43.27 -10.72
C ASN A 89 4.79 -44.66 -10.42
N ARG A 90 4.82 -45.02 -9.13
N ARG A 90 4.82 -45.01 -9.14
CA ARG A 90 5.14 -46.37 -8.72
CA ARG A 90 5.12 -46.37 -8.73
C ARG A 90 4.10 -46.79 -7.68
C ARG A 90 4.10 -46.80 -7.68
N GLU A 91 4.14 -48.06 -7.27
CA GLU A 91 3.20 -48.56 -6.28
C GLU A 91 3.26 -47.79 -4.95
N LEU A 92 2.10 -47.51 -4.36
CA LEU A 92 2.03 -46.89 -3.04
C LEU A 92 2.32 -47.89 -1.94
N SER A 93 3.25 -47.56 -1.05
CA SER A 93 3.55 -48.43 0.10
C SER A 93 4.24 -47.72 1.25
N GLU A 94 4.01 -48.23 2.46
CA GLU A 94 4.66 -47.69 3.64
C GLU A 94 6.14 -48.01 3.60
N ASP A 95 6.44 -49.14 2.95
CA ASP A 95 7.81 -49.57 2.65
C ASP A 95 8.29 -48.75 1.45
N CYS A 96 8.93 -47.62 1.71
CA CYS A 96 9.19 -46.64 0.67
C CYS A 96 10.47 -45.82 0.83
N LEU A 97 11.20 -46.04 1.91
CA LEU A 97 12.45 -45.34 2.15
C LEU A 97 13.60 -45.88 1.25
N TYR A 98 13.68 -45.35 0.03
CA TYR A 98 14.71 -45.75 -0.93
C TYR A 98 15.26 -44.51 -1.61
N LEU A 99 16.51 -44.53 -2.04
CA LEU A 99 17.04 -43.38 -2.75
C LEU A 99 17.63 -43.77 -4.10
N ASN A 100 17.95 -42.75 -4.89
CA ASN A 100 18.42 -42.93 -6.25
C ASN A 100 19.68 -42.16 -6.50
N VAL A 101 20.55 -42.71 -7.34
CA VAL A 101 21.78 -42.04 -7.71
C VAL A 101 21.98 -42.07 -9.22
N TRP A 102 22.24 -40.90 -9.80
CA TRP A 102 22.70 -40.84 -11.18
C TRP A 102 24.14 -40.34 -11.16
N THR A 103 24.98 -40.86 -12.05
CA THR A 103 26.37 -40.42 -12.17
C THR A 103 26.77 -40.49 -13.64
N PRO A 104 27.87 -39.83 -14.00
CA PRO A 104 28.42 -40.06 -15.35
C PRO A 104 28.69 -41.53 -15.62
N TYR A 105 28.82 -41.89 -16.89
CA TYR A 105 29.19 -43.24 -17.30
C TYR A 105 30.39 -43.16 -18.26
N PRO A 106 31.51 -43.77 -17.88
CA PRO A 106 31.77 -44.43 -16.60
C PRO A 106 31.78 -43.46 -15.42
N ARG A 107 31.78 -44.00 -14.21
CA ARG A 107 31.79 -43.18 -13.00
C ARG A 107 33.10 -42.40 -12.92
N PRO A 108 33.03 -41.14 -12.45
CA PRO A 108 34.09 -40.13 -12.55
C PRO A 108 35.40 -40.51 -11.87
N ALA A 109 36.51 -40.14 -12.53
CA ALA A 109 37.86 -40.45 -12.06
C ALA A 109 38.15 -39.84 -10.69
N SER A 110 37.97 -38.54 -10.58
CA SER A 110 38.24 -37.80 -9.35
C SER A 110 36.93 -37.42 -8.65
N PRO A 111 36.98 -37.12 -7.33
CA PRO A 111 35.77 -36.84 -6.52
C PRO A 111 34.88 -35.69 -7.03
N THR A 112 33.59 -35.96 -7.16
CA THR A 112 32.68 -35.07 -7.88
C THR A 112 31.60 -34.47 -7.00
N PRO A 113 31.39 -33.15 -7.10
CA PRO A 113 30.37 -32.45 -6.32
C PRO A 113 29.02 -33.15 -6.40
N VAL A 114 28.30 -33.21 -5.28
CA VAL A 114 27.04 -33.94 -5.20
C VAL A 114 25.81 -33.03 -5.05
N LEU A 115 24.74 -33.35 -5.77
CA LEU A 115 23.48 -32.64 -5.60
C LEU A 115 22.43 -33.57 -5.05
N ILE A 116 21.89 -33.22 -3.90
CA ILE A 116 20.82 -33.99 -3.31
C ILE A 116 19.45 -33.28 -3.46
N TRP A 117 18.47 -33.96 -4.06
CA TRP A 117 17.16 -33.37 -4.33
C TRP A 117 16.08 -33.77 -3.33
N ILE A 118 15.34 -32.79 -2.83
CA ILE A 118 14.22 -33.06 -1.95
C ILE A 118 12.93 -32.57 -2.57
N TYR A 119 12.09 -33.49 -3.02
CA TYR A 119 10.84 -33.13 -3.67
C TYR A 119 9.87 -32.42 -2.75
N GLY A 120 9.00 -31.61 -3.36
CA GLY A 120 7.90 -30.98 -2.66
C GLY A 120 6.66 -31.84 -2.76
N GLY A 121 5.50 -31.21 -2.59
CA GLY A 121 4.23 -31.91 -2.52
C GLY A 121 3.55 -31.69 -1.18
N GLY A 122 3.78 -30.50 -0.60
CA GLY A 122 3.10 -30.05 0.60
C GLY A 122 3.21 -30.91 1.85
N PHE A 123 4.26 -31.73 1.91
CA PHE A 123 4.45 -32.74 2.96
C PHE A 123 3.36 -33.84 3.00
N TYR A 124 2.49 -33.87 1.99
CA TYR A 124 1.42 -34.87 1.91
C TYR A 124 1.54 -35.77 0.69
N SER A 125 2.53 -35.49 -0.15
CA SER A 125 2.66 -36.15 -1.45
C SER A 125 4.05 -36.01 -2.03
N GLY A 126 4.30 -36.70 -3.14
CA GLY A 126 5.55 -36.52 -3.84
C GLY A 126 6.39 -37.79 -3.86
N ALA A 127 7.32 -37.85 -4.80
CA ALA A 127 8.24 -38.99 -4.92
C ALA A 127 9.48 -38.60 -5.70
N ALA A 128 10.61 -39.23 -5.39
CA ALA A 128 11.85 -38.94 -6.07
C ALA A 128 11.90 -39.55 -7.48
N SER A 129 10.85 -40.26 -7.86
CA SER A 129 10.86 -41.04 -9.09
C SER A 129 10.06 -40.46 -10.24
N LEU A 130 9.59 -39.23 -10.10
CA LEU A 130 8.84 -38.56 -11.16
C LEU A 130 9.75 -38.09 -12.30
N ASP A 131 9.21 -38.11 -13.51
CA ASP A 131 9.97 -37.72 -14.70
C ASP A 131 10.69 -36.40 -14.55
N VAL A 132 10.02 -35.41 -13.96
CA VAL A 132 10.61 -34.08 -13.77
C VAL A 132 11.83 -34.07 -12.85
N TYR A 133 12.06 -35.16 -12.12
CA TYR A 133 13.25 -35.22 -11.27
C TYR A 133 14.34 -36.16 -11.83
N ASP A 134 14.34 -36.35 -13.15
CA ASP A 134 15.30 -37.22 -13.84
C ASP A 134 16.74 -36.65 -13.81
N GLY A 135 17.59 -37.32 -13.04
CA GLY A 135 18.95 -36.86 -12.85
C GLY A 135 19.86 -37.15 -14.04
N ARG A 136 19.33 -37.82 -15.05
CA ARG A 136 20.17 -38.30 -16.13
C ARG A 136 20.79 -37.15 -16.91
N PHE A 137 20.08 -36.02 -17.00
CA PHE A 137 20.56 -34.89 -17.79
C PHE A 137 21.63 -34.08 -17.08
N LEU A 138 21.43 -33.84 -15.79
CA LEU A 138 22.48 -33.19 -15.01
C LEU A 138 23.76 -34.03 -14.97
N ALA A 139 23.61 -35.32 -14.73
CA ALA A 139 24.74 -36.24 -14.65
C ALA A 139 25.53 -36.29 -15.95
N GLN A 140 24.83 -36.36 -17.08
CA GLN A 140 25.51 -36.48 -18.36
C GLN A 140 26.11 -35.15 -18.76
N VAL A 141 25.29 -34.10 -18.73
CA VAL A 141 25.71 -32.84 -19.30
C VAL A 141 26.66 -32.08 -18.39
N GLU A 142 26.44 -32.14 -17.07
CA GLU A 142 27.28 -31.40 -16.15
C GLU A 142 28.20 -32.30 -15.33
N GLY A 143 28.11 -33.61 -15.55
CA GLY A 143 28.98 -34.56 -14.90
C GLY A 143 28.71 -34.68 -13.41
N ALA A 144 27.50 -34.26 -13.03
CA ALA A 144 27.15 -34.17 -11.61
C ALA A 144 26.77 -35.53 -11.03
N VAL A 145 26.96 -35.68 -9.72
CA VAL A 145 26.38 -36.83 -9.04
C VAL A 145 25.09 -36.38 -8.38
N LEU A 146 23.98 -36.89 -8.89
CA LEU A 146 22.66 -36.50 -8.42
C LEU A 146 22.08 -37.60 -7.54
N VAL A 147 21.54 -37.21 -6.39
CA VAL A 147 20.94 -38.12 -5.44
C VAL A 147 19.55 -37.64 -5.06
N SER A 148 18.59 -38.55 -4.98
CA SER A 148 17.25 -38.17 -4.52
C SER A 148 16.65 -39.32 -3.75
N MET A 149 15.90 -38.95 -2.72
CA MET A 149 15.35 -39.85 -1.72
C MET A 149 13.82 -39.89 -1.73
N ASN A 150 13.25 -40.94 -1.18
CA ASN A 150 11.87 -40.86 -0.72
C ASN A 150 11.93 -40.53 0.76
N TYR A 151 10.95 -39.73 1.22
CA TYR A 151 10.76 -39.54 2.65
C TYR A 151 9.26 -39.68 2.91
N ARG A 152 8.91 -40.17 4.10
CA ARG A 152 7.51 -40.33 4.46
C ARG A 152 6.76 -39.00 4.44
N VAL A 153 5.51 -39.03 4.00
CA VAL A 153 4.70 -37.84 3.95
C VAL A 153 3.36 -38.08 4.64
N GLY A 154 2.53 -37.04 4.66
CA GLY A 154 1.25 -37.09 5.34
C GLY A 154 1.35 -37.48 6.80
N THR A 155 0.37 -38.26 7.26
CA THR A 155 0.39 -38.77 8.61
C THR A 155 1.66 -39.56 8.91
N PHE A 156 2.10 -40.40 7.96
CA PHE A 156 3.23 -41.31 8.18
C PHE A 156 4.55 -40.59 8.34
N GLY A 157 4.60 -39.36 7.82
CA GLY A 157 5.78 -38.54 7.97
C GLY A 157 5.68 -37.55 9.11
N PHE A 158 4.49 -37.00 9.36
CA PHE A 158 4.43 -35.79 10.15
C PHE A 158 3.35 -35.74 11.21
N LEU A 159 2.58 -36.80 11.35
CA LEU A 159 1.65 -36.90 12.46
C LEU A 159 2.45 -36.92 13.75
N ALA A 160 1.97 -36.19 14.75
CA ALA A 160 2.76 -36.00 15.95
C ALA A 160 1.91 -35.82 17.18
N LEU A 161 2.33 -36.51 18.24
CA LEU A 161 1.87 -36.23 19.57
C LEU A 161 3.09 -35.72 20.29
N PRO A 162 3.35 -34.41 20.19
CA PRO A 162 4.62 -33.82 20.65
C PRO A 162 4.91 -34.15 22.11
N GLY A 163 6.09 -34.69 22.37
CA GLY A 163 6.44 -35.11 23.71
C GLY A 163 6.33 -36.62 23.89
N SER A 164 5.55 -37.27 23.04
CA SER A 164 5.38 -38.72 23.13
C SER A 164 6.59 -39.47 22.60
N ARG A 165 6.77 -40.68 23.13
CA ARG A 165 7.82 -41.56 22.65
C ARG A 165 7.45 -42.21 21.31
N GLU A 166 6.16 -42.43 21.10
CA GLU A 166 5.65 -43.28 20.01
C GLU A 166 5.23 -42.51 18.76
N ALA A 167 5.39 -41.19 18.78
CA ALA A 167 5.04 -40.35 17.64
C ALA A 167 5.60 -38.95 17.83
N PRO A 168 6.95 -38.84 17.88
CA PRO A 168 7.58 -37.59 18.31
C PRO A 168 7.44 -36.49 17.28
N GLY A 169 6.99 -36.83 16.09
CA GLY A 169 6.85 -35.87 15.00
C GLY A 169 8.09 -35.69 14.15
N ASN A 170 7.90 -35.06 13.01
CA ASN A 170 9.01 -34.76 12.10
C ASN A 170 9.75 -35.96 11.51
N VAL A 171 9.19 -37.17 11.59
CA VAL A 171 9.98 -38.33 11.19
C VAL A 171 10.27 -38.32 9.69
N GLY A 172 9.46 -37.62 8.92
CA GLY A 172 9.75 -37.51 7.50
C GLY A 172 11.00 -36.68 7.28
N LEU A 173 11.21 -35.66 8.10
CA LEU A 173 12.43 -34.88 8.01
C LEU A 173 13.64 -35.71 8.45
N LEU A 174 13.44 -36.60 9.42
CA LEU A 174 14.49 -37.51 9.85
C LEU A 174 14.82 -38.57 8.77
N ASP A 175 13.84 -38.91 7.94
CA ASP A 175 14.08 -39.76 6.78
C ASP A 175 15.10 -39.06 5.89
N GLN A 176 14.85 -37.77 5.64
CA GLN A 176 15.71 -37.00 4.77
C GLN A 176 17.12 -36.94 5.33
N ARG A 177 17.21 -36.85 6.65
CA ARG A 177 18.52 -36.74 7.27
C ARG A 177 19.30 -38.02 7.11
N LEU A 178 18.63 -39.15 7.29
CA LEU A 178 19.26 -40.46 7.20
C LEU A 178 19.86 -40.64 5.82
N ALA A 179 19.13 -40.19 4.80
CA ALA A 179 19.66 -40.20 3.44
C ALA A 179 20.92 -39.33 3.33
N LEU A 180 20.93 -38.19 4.01
CA LEU A 180 22.09 -37.31 3.97
C LEU A 180 23.29 -37.97 4.64
N GLN A 181 23.07 -38.68 5.75
CA GLN A 181 24.15 -39.43 6.37
C GLN A 181 24.64 -40.53 5.45
N TRP A 182 23.68 -41.25 4.86
CA TRP A 182 23.94 -42.29 3.88
C TRP A 182 24.83 -41.76 2.77
N VAL A 183 24.50 -40.57 2.28
CA VAL A 183 25.33 -40.00 1.22
C VAL A 183 26.76 -39.83 1.72
N GLN A 184 26.92 -39.29 2.93
CA GLN A 184 28.25 -39.09 3.51
C GLN A 184 29.07 -40.37 3.52
N GLU A 185 28.43 -41.47 3.89
CA GLU A 185 29.17 -42.71 4.08
C GLU A 185 29.42 -43.44 2.77
N ASN A 186 28.50 -43.30 1.81
CA ASN A 186 28.52 -44.15 0.63
C ASN A 186 28.74 -43.47 -0.72
N ILE A 187 28.64 -42.15 -0.79
CA ILE A 187 28.60 -41.51 -2.11
C ILE A 187 29.98 -41.57 -2.78
N ALA A 188 31.03 -41.69 -1.98
CA ALA A 188 32.39 -41.84 -2.54
C ALA A 188 32.57 -43.15 -3.33
N ALA A 189 31.69 -44.12 -3.14
CA ALA A 189 31.73 -45.36 -3.91
C ALA A 189 31.21 -45.17 -5.33
N PHE A 190 30.70 -43.98 -5.60
CA PHE A 190 30.11 -43.66 -6.89
C PHE A 190 30.92 -42.55 -7.56
N GLY A 191 31.95 -42.07 -6.86
CA GLY A 191 32.78 -40.99 -7.36
C GLY A 191 32.32 -39.62 -6.91
N GLY A 192 31.38 -39.58 -5.97
CA GLY A 192 30.92 -38.33 -5.39
C GLY A 192 31.86 -37.84 -4.29
N ASP A 193 31.91 -36.53 -4.14
CA ASP A 193 32.67 -35.87 -3.09
C ASP A 193 31.75 -35.58 -1.89
N PRO A 194 31.90 -36.34 -0.80
CA PRO A 194 31.02 -36.11 0.34
C PRO A 194 31.39 -34.84 1.12
N MET A 195 32.38 -34.09 0.61
CA MET A 195 32.75 -32.82 1.22
C MET A 195 32.27 -31.62 0.39
N SER A 196 31.40 -31.92 -0.58
CA SER A 196 30.76 -30.91 -1.39
C SER A 196 29.35 -31.36 -1.73
N VAL A 197 28.48 -31.31 -0.72
CA VAL A 197 27.08 -31.69 -0.91
C VAL A 197 26.19 -30.46 -0.89
N THR A 198 25.52 -30.24 -2.01
CA THR A 198 24.55 -29.17 -2.14
C THR A 198 23.13 -29.72 -2.14
N LEU A 199 22.30 -29.28 -1.20
CA LEU A 199 20.89 -29.66 -1.20
C LEU A 199 20.09 -28.75 -2.13
N PHE A 200 19.01 -29.26 -2.71
CA PHE A 200 18.09 -28.38 -3.39
C PHE A 200 16.74 -29.04 -3.52
N GLY A 201 15.70 -28.23 -3.37
CA GLY A 201 14.34 -28.74 -3.33
C GLY A 201 13.35 -27.65 -3.68
N GLU A 202 12.12 -28.06 -3.91
CA GLU A 202 11.07 -27.17 -4.36
C GLU A 202 9.89 -27.25 -3.40
N ALA A 204 7.53 -27.58 -0.53
CA ALA A 204 7.78 -28.37 0.67
C ALA A 204 9.24 -28.88 0.78
N GLY A 205 9.87 -29.11 -0.37
CA GLY A 205 11.22 -29.65 -0.37
C GLY A 205 12.21 -28.54 -0.08
N ALA A 206 11.94 -27.37 -0.65
CA ALA A 206 12.70 -26.17 -0.35
C ALA A 206 12.61 -25.85 1.15
N ALA A 207 11.39 -25.97 1.70
CA ALA A 207 11.15 -25.84 3.13
C ALA A 207 12.04 -26.79 3.94
N SER A 208 12.11 -28.04 3.49
CA SER A 208 12.94 -29.06 4.11
C SER A 208 14.41 -28.65 4.12
N VAL A 209 14.89 -28.16 2.98
CA VAL A 209 16.26 -27.67 2.90
C VAL A 209 16.45 -26.64 4.01
N GLY A 210 15.48 -25.74 4.12
CA GLY A 210 15.49 -24.73 5.15
C GLY A 210 15.57 -25.31 6.56
N MET A 211 14.79 -26.34 6.84
CA MET A 211 14.81 -26.89 8.19
C MET A 211 16.10 -27.64 8.48
N HIS A 212 16.77 -28.16 7.45
CA HIS A 212 18.09 -28.75 7.69
C HIS A 212 19.13 -27.67 7.97
N ILE A 213 18.95 -26.49 7.40
CA ILE A 213 19.83 -25.36 7.68
C ILE A 213 19.68 -24.94 9.15
N LEU A 214 18.51 -25.22 9.71
CA LEU A 214 18.15 -24.69 11.02
C LEU A 214 18.25 -25.71 12.13
N SER A 215 18.53 -26.94 11.75
CA SER A 215 18.65 -28.02 12.71
C SER A 215 20.12 -28.36 12.84
N LEU A 216 20.67 -28.24 14.04
CA LEU A 216 22.10 -28.45 14.24
C LEU A 216 22.63 -29.78 13.63
N PRO A 217 22.03 -30.94 13.98
CA PRO A 217 22.59 -32.19 13.45
C PRO A 217 22.69 -32.25 11.92
N SER A 218 21.79 -31.61 11.19
CA SER A 218 21.86 -31.69 9.74
C SER A 218 22.99 -30.87 9.12
N ARG A 219 23.36 -29.78 9.77
N ARG A 219 23.36 -29.76 9.75
CA ARG A 219 24.25 -28.77 9.19
CA ARG A 219 24.25 -28.78 9.10
C ARG A 219 25.63 -29.32 8.84
C ARG A 219 25.65 -29.32 8.82
N SER A 220 25.98 -30.47 9.42
CA SER A 220 27.28 -31.08 9.16
C SER A 220 27.22 -32.04 7.98
N LEU A 221 26.06 -32.12 7.34
CA LEU A 221 25.82 -33.08 6.26
C LEU A 221 25.74 -32.43 4.88
N PHE A 222 25.92 -31.12 4.81
CA PHE A 222 25.94 -30.41 3.52
C PHE A 222 26.67 -29.09 3.65
N HIS A 223 26.93 -28.43 2.52
CA HIS A 223 27.75 -27.22 2.58
C HIS A 223 27.10 -26.00 1.91
N ARG A 224 26.11 -26.26 1.07
CA ARG A 224 25.43 -25.24 0.28
C ARG A 224 23.97 -25.66 0.10
N ALA A 225 23.08 -24.69 -0.12
CA ALA A 225 21.66 -25.01 -0.24
C ALA A 225 20.96 -24.15 -1.28
N VAL A 226 20.00 -24.76 -1.99
CA VAL A 226 19.17 -24.04 -2.93
C VAL A 226 17.72 -24.21 -2.56
N LEU A 227 17.02 -23.11 -2.30
CA LEU A 227 15.59 -23.20 -1.98
C LEU A 227 14.76 -22.64 -3.12
N GLN A 228 14.05 -23.51 -3.82
CA GLN A 228 13.23 -23.07 -4.94
C GLN A 228 11.75 -22.95 -4.53
N SER A 229 11.23 -21.73 -4.51
CA SER A 229 9.82 -21.46 -4.23
C SER A 229 9.29 -22.09 -2.95
N GLY A 230 9.97 -21.85 -1.84
CA GLY A 230 9.60 -22.50 -0.58
C GLY A 230 10.55 -22.13 0.53
N THR A 231 10.08 -22.22 1.77
CA THR A 231 10.79 -21.69 2.92
C THR A 231 10.42 -22.46 4.18
N PRO A 232 11.31 -22.47 5.17
CA PRO A 232 10.92 -23.05 6.46
C PRO A 232 10.01 -22.09 7.23
N ASN A 233 10.29 -20.79 7.16
CA ASN A 233 9.36 -19.79 7.70
C ASN A 233 8.09 -19.70 6.83
N GLY A 234 7.13 -18.90 7.26
CA GLY A 234 5.90 -18.75 6.49
C GLY A 234 4.73 -19.49 7.12
N PRO A 235 3.53 -19.34 6.54
CA PRO A 235 2.31 -19.84 7.18
C PRO A 235 1.97 -21.33 7.02
N TRP A 236 2.58 -22.03 6.06
CA TRP A 236 2.12 -23.39 5.80
C TRP A 236 3.12 -24.47 6.21
N ALA A 237 4.40 -24.13 6.27
CA ALA A 237 5.45 -25.15 6.42
C ALA A 237 5.58 -25.78 7.81
N THR A 238 5.01 -25.15 8.85
CA THR A 238 5.13 -25.68 10.21
C THR A 238 3.87 -25.52 11.03
N VAL A 239 3.80 -26.24 12.13
CA VAL A 239 2.73 -26.06 13.11
C VAL A 239 3.28 -26.08 14.52
N SER A 240 2.60 -25.41 15.44
CA SER A 240 2.95 -25.50 16.85
C SER A 240 2.77 -26.92 17.37
N ALA A 241 3.36 -27.21 18.53
CA ALA A 241 3.14 -28.50 19.16
C ALA A 241 1.63 -28.64 19.38
N GLY A 242 1.05 -27.57 19.92
CA GLY A 242 -0.37 -27.54 20.22
C GLY A 242 -1.25 -27.93 19.03
N GLU A 243 -1.00 -27.29 17.89
CA GLU A 243 -1.88 -27.52 16.75
C GLU A 243 -1.67 -28.91 16.14
N ALA A 244 -0.45 -29.41 16.22
CA ALA A 244 -0.16 -30.75 15.73
C ALA A 244 -0.90 -31.77 16.57
N ARG A 245 -0.86 -31.58 17.88
CA ARG A 245 -1.54 -32.49 18.81
C ARG A 245 -3.03 -32.51 18.52
N ARG A 246 -3.59 -31.34 18.23
CA ARG A 246 -5.01 -31.27 17.94
C ARG A 246 -5.35 -32.02 16.67
N ARG A 247 -4.54 -31.86 15.63
CA ARG A 247 -4.83 -32.54 14.37
C ARG A 247 -4.67 -34.04 14.51
N ALA A 248 -3.60 -34.47 15.17
CA ALA A 248 -3.39 -35.89 15.42
C ALA A 248 -4.58 -36.51 16.17
N THR A 249 -5.07 -35.82 17.19
CA THR A 249 -6.18 -36.33 17.98
C THR A 249 -7.49 -36.39 17.19
N LEU A 250 -7.69 -35.41 16.31
CA LEU A 250 -8.92 -35.36 15.53
C LEU A 250 -8.93 -36.50 14.53
N LEU A 251 -7.79 -36.70 13.88
N LEU A 251 -7.79 -36.69 13.87
CA LEU A 251 -7.66 -37.79 12.92
CA LEU A 251 -7.62 -37.77 12.92
C LEU A 251 -7.86 -39.15 13.57
C LEU A 251 -7.86 -39.14 13.57
N ALA A 252 -7.38 -39.29 14.80
CA ALA A 252 -7.61 -40.51 15.56
C ALA A 252 -9.09 -40.75 15.74
N ARG A 253 -9.81 -39.70 16.15
CA ARG A 253 -11.26 -39.80 16.32
C ARG A 253 -11.91 -40.16 14.98
N LEU A 254 -11.53 -39.43 13.93
CA LEU A 254 -12.10 -39.61 12.60
C LEU A 254 -11.98 -41.03 12.05
N VAL A 255 -10.96 -41.77 12.47
CA VAL A 255 -10.79 -43.15 11.99
C VAL A 255 -10.97 -44.20 13.08
N GLY A 256 -11.49 -43.82 14.24
CA GLY A 256 -11.94 -44.79 15.23
C GLY A 256 -11.21 -44.88 16.55
N CYS A 257 -10.31 -43.95 16.84
CA CYS A 257 -9.43 -44.10 18.01
C CYS A 257 -9.68 -43.08 19.11
N PRO A 258 -10.01 -43.58 20.33
CA PRO A 258 -10.39 -42.77 21.50
C PRO A 258 -9.45 -41.59 21.78
N ASN A 265 -4.04 -40.63 27.43
CA ASN A 265 -2.86 -41.46 27.14
C ASN A 265 -2.53 -41.54 25.63
N ASP A 266 -1.29 -41.22 25.29
CA ASP A 266 -0.84 -41.18 23.89
C ASP A 266 -0.47 -42.54 23.33
N THR A 267 0.01 -43.42 24.20
CA THR A 267 0.44 -44.75 23.77
C THR A 267 -0.74 -45.50 23.19
N GLU A 268 -1.76 -45.70 24.02
CA GLU A 268 -3.05 -46.27 23.63
C GLU A 268 -3.58 -45.74 22.30
N LEU A 269 -3.55 -44.41 22.15
CA LEU A 269 -4.04 -43.77 20.95
C LEU A 269 -3.16 -44.09 19.73
N ILE A 270 -1.85 -43.99 19.90
CA ILE A 270 -0.95 -44.28 18.79
C ILE A 270 -1.08 -45.73 18.38
N ALA A 271 -1.12 -46.62 19.38
CA ALA A 271 -1.25 -48.04 19.12
C ALA A 271 -2.45 -48.33 18.23
N CYS A 272 -3.59 -47.72 18.51
CA CYS A 272 -4.79 -47.96 17.71
C CYS A 272 -4.62 -47.41 16.27
N LEU A 273 -3.97 -46.25 16.14
N LEU A 273 -3.97 -46.25 16.15
CA LEU A 273 -3.64 -45.70 14.83
CA LEU A 273 -3.63 -45.70 14.85
C LEU A 273 -2.75 -46.67 14.04
C LEU A 273 -2.75 -46.68 14.05
N ARG A 274 -1.82 -47.34 14.72
CA ARG A 274 -0.95 -48.31 14.07
C ARG A 274 -1.70 -49.52 13.51
N THR A 275 -2.91 -49.78 14.00
CA THR A 275 -3.69 -50.91 13.53
C THR A 275 -4.69 -50.49 12.44
N ARG A 276 -4.53 -49.28 11.91
CA ARG A 276 -5.41 -48.84 10.82
C ARG A 276 -4.68 -49.00 9.49
N PRO A 277 -5.43 -49.43 8.46
CA PRO A 277 -4.84 -49.49 7.12
C PRO A 277 -4.48 -48.10 6.63
N ALA A 278 -3.36 -47.99 5.92
CA ALA A 278 -2.83 -46.70 5.48
C ALA A 278 -3.87 -45.82 4.78
N GLN A 279 -4.68 -46.47 3.94
CA GLN A 279 -5.64 -45.74 3.13
C GLN A 279 -6.72 -45.08 4.00
N ASP A 280 -6.96 -45.65 5.18
CA ASP A 280 -7.97 -45.08 6.07
C ASP A 280 -7.47 -43.78 6.68
N LEU A 281 -6.14 -43.67 6.81
CA LEU A 281 -5.53 -42.43 7.28
C LEU A 281 -5.46 -41.39 6.16
N VAL A 282 -5.04 -41.82 4.98
CA VAL A 282 -5.01 -40.94 3.82
C VAL A 282 -6.40 -40.40 3.52
N ASP A 283 -7.40 -41.27 3.60
CA ASP A 283 -8.79 -40.87 3.30
C ASP A 283 -9.33 -39.73 4.17
N HIS A 284 -8.79 -39.55 5.37
CA HIS A 284 -9.32 -38.56 6.30
C HIS A 284 -8.31 -37.46 6.58
N GLU A 285 -7.20 -37.50 5.87
CA GLU A 285 -6.13 -36.55 6.10
C GLU A 285 -6.55 -35.07 5.94
N TRP A 286 -7.25 -34.74 4.85
CA TRP A 286 -7.62 -33.35 4.61
C TRP A 286 -8.70 -32.83 5.55
N HIS A 287 -9.25 -33.73 6.36
CA HIS A 287 -10.43 -33.39 7.14
C HIS A 287 -10.12 -32.71 8.48
N VAL A 288 -8.84 -32.54 8.79
CA VAL A 288 -8.48 -32.00 10.10
C VAL A 288 -7.91 -30.59 10.05
N LEU A 289 -8.07 -29.89 8.92
CA LEU A 289 -7.69 -28.48 8.86
C LEU A 289 -8.72 -27.63 9.57
N PRO A 290 -8.25 -26.59 10.26
CA PRO A 290 -9.05 -25.72 11.12
C PRO A 290 -10.04 -24.83 10.38
N GLN A 291 -9.72 -24.47 9.14
CA GLN A 291 -10.56 -23.57 8.35
C GLN A 291 -10.54 -24.00 6.89
N GLU A 292 -11.61 -23.67 6.16
CA GLU A 292 -11.61 -23.85 4.72
C GLU A 292 -10.47 -23.05 4.12
N SER A 293 -9.48 -23.72 3.55
CA SER A 293 -8.28 -23.04 3.08
C SER A 293 -7.76 -23.56 1.76
N ILE A 294 -6.76 -22.88 1.22
CA ILE A 294 -5.87 -23.44 0.23
C ILE A 294 -4.44 -23.14 0.67
N PHE A 295 -3.49 -23.90 0.15
CA PHE A 295 -2.08 -23.77 0.53
C PHE A 295 -1.93 -24.07 2.02
N ARG A 296 -2.74 -24.99 2.53
CA ARG A 296 -2.57 -25.45 3.91
C ARG A 296 -2.62 -26.95 3.88
N PHE A 297 -1.70 -27.55 4.61
CA PHE A 297 -1.56 -28.99 4.59
C PHE A 297 -1.60 -29.49 6.02
N SER A 298 -2.30 -30.61 6.22
CA SER A 298 -2.65 -31.07 7.56
C SER A 298 -1.45 -31.53 8.37
N PHE A 299 -0.59 -32.31 7.75
CA PHE A 299 0.49 -32.92 8.52
C PHE A 299 1.84 -32.49 8.00
N VAL A 300 2.45 -31.60 8.77
CA VAL A 300 3.65 -30.90 8.34
C VAL A 300 4.61 -30.85 9.51
N PRO A 301 5.88 -30.46 9.27
CA PRO A 301 6.84 -30.32 10.37
C PRO A 301 6.31 -29.53 11.55
N VAL A 302 6.64 -30.01 12.74
CA VAL A 302 6.13 -29.39 13.94
C VAL A 302 7.30 -28.80 14.77
N VAL A 303 7.07 -27.66 15.41
CA VAL A 303 8.03 -27.09 16.34
C VAL A 303 8.05 -27.90 17.63
N ASP A 304 8.93 -28.90 17.69
CA ASP A 304 8.97 -29.84 18.81
C ASP A 304 9.98 -29.47 19.89
N GLY A 305 10.88 -28.54 19.59
CA GLY A 305 11.96 -28.19 20.49
C GLY A 305 13.16 -29.12 20.37
N ASP A 306 13.21 -29.89 19.28
CA ASP A 306 14.24 -30.91 19.09
C ASP A 306 14.86 -30.87 17.70
N PHE A 307 14.09 -31.31 16.71
CA PHE A 307 14.54 -31.10 15.34
C PHE A 307 14.56 -29.60 15.11
N LEU A 308 13.48 -28.95 15.48
CA LEU A 308 13.38 -27.49 15.46
C LEU A 308 13.33 -26.94 16.90
N SER A 309 14.40 -26.30 17.35
CA SER A 309 14.48 -25.86 18.74
C SER A 309 13.54 -24.68 19.04
N ASP A 310 13.15 -23.95 18.00
CA ASP A 310 12.23 -22.85 18.13
C ASP A 310 11.53 -22.69 16.79
N THR A 311 10.67 -21.70 16.64
CA THR A 311 10.05 -21.48 15.35
C THR A 311 11.12 -21.06 14.36
N PRO A 312 10.95 -21.43 13.08
CA PRO A 312 11.84 -20.99 12.01
C PRO A 312 11.98 -19.48 11.95
N GLU A 313 10.91 -18.74 12.25
CA GLU A 313 10.99 -17.27 12.24
C GLU A 313 11.99 -16.81 13.31
N ALA A 314 11.87 -17.37 14.50
CA ALA A 314 12.79 -17.08 15.58
C ALA A 314 14.21 -17.42 15.19
N LEU A 315 14.38 -18.60 14.59
CA LEU A 315 15.70 -19.16 14.33
C LEU A 315 16.47 -18.38 13.27
N ILE A 316 15.77 -17.88 12.26
CA ILE A 316 16.46 -17.10 11.24
C ILE A 316 16.65 -15.67 11.73
N ASN A 317 15.81 -15.24 12.68
CA ASN A 317 15.96 -13.93 13.29
C ASN A 317 17.24 -13.82 14.10
N THR A 318 17.78 -14.96 14.54
CA THR A 318 18.89 -14.97 15.50
C THR A 318 20.16 -15.73 15.08
N GLY A 319 20.01 -16.92 14.51
CA GLY A 319 21.17 -17.78 14.21
C GLY A 319 22.31 -17.19 13.40
N ASP A 320 23.49 -17.80 13.48
CA ASP A 320 24.68 -17.35 12.74
C ASP A 320 24.83 -18.07 11.40
N PHE A 321 25.17 -17.33 10.35
CA PHE A 321 25.20 -17.91 9.00
C PHE A 321 26.40 -17.47 8.14
N GLN A 322 27.53 -17.14 8.75
CA GLN A 322 28.67 -16.73 7.95
C GLN A 322 29.09 -17.84 7.00
N ASP A 323 28.98 -19.08 7.47
CA ASP A 323 29.47 -20.27 6.77
C ASP A 323 28.57 -20.73 5.62
N LEU A 324 27.54 -19.96 5.31
CA LEU A 324 26.47 -20.45 4.46
C LEU A 324 26.41 -19.81 3.08
N GLN A 325 26.23 -20.64 2.06
CA GLN A 325 25.93 -20.14 0.73
C GLN A 325 24.61 -20.70 0.24
N VAL A 326 23.76 -19.81 -0.25
CA VAL A 326 22.39 -20.16 -0.53
C VAL A 326 21.86 -19.46 -1.77
N LEU A 327 21.23 -20.24 -2.63
CA LEU A 327 20.52 -19.75 -3.80
C LEU A 327 19.03 -19.93 -3.55
N VAL A 328 18.26 -18.84 -3.64
CA VAL A 328 16.80 -18.87 -3.44
C VAL A 328 16.09 -18.10 -4.53
N GLY A 329 14.89 -18.53 -4.87
CA GLY A 329 14.11 -17.77 -5.82
C GLY A 329 12.69 -18.25 -5.97
N VAL A 330 11.94 -17.58 -6.86
CA VAL A 330 10.52 -17.85 -7.06
C VAL A 330 10.13 -17.83 -8.53
N VAL A 331 8.95 -18.36 -8.84
CA VAL A 331 8.42 -18.21 -10.19
C VAL A 331 7.54 -16.97 -10.21
N LYS A 332 7.18 -16.49 -11.40
CA LYS A 332 6.40 -15.25 -11.58
C LYS A 332 5.02 -15.34 -10.94
N ASP A 333 4.35 -16.45 -11.18
CA ASP A 333 2.97 -16.63 -10.74
C ASP A 333 2.77 -17.80 -9.77
N GLU A 334 3.45 -17.75 -8.63
CA GLU A 334 3.33 -18.78 -7.58
C GLU A 334 1.90 -19.24 -7.24
N GLY A 335 0.98 -18.29 -7.05
CA GLY A 335 -0.33 -18.62 -6.53
C GLY A 335 -1.35 -19.27 -7.44
N SER A 336 -1.30 -18.96 -8.73
CA SER A 336 -2.35 -19.40 -9.67
C SER A 336 -2.67 -20.89 -9.58
N TYR A 337 -1.64 -21.73 -9.46
CA TYR A 337 -1.83 -23.17 -9.35
C TYR A 337 -2.79 -23.56 -8.22
N PHE A 338 -2.67 -22.88 -7.08
CA PHE A 338 -3.44 -23.26 -5.90
C PHE A 338 -4.92 -22.79 -5.89
N LEU A 339 -5.24 -21.79 -6.69
CA LEU A 339 -6.60 -21.28 -6.72
C LEU A 339 -7.66 -22.33 -7.12
N VAL A 340 -7.32 -23.27 -8.00
CA VAL A 340 -8.33 -24.21 -8.52
C VAL A 340 -8.62 -25.34 -7.55
N TYR A 341 -7.91 -25.36 -6.43
CA TYR A 341 -8.14 -26.38 -5.40
C TYR A 341 -9.02 -25.88 -4.26
N GLY A 342 -9.80 -24.83 -4.49
CA GLY A 342 -10.62 -24.33 -3.40
C GLY A 342 -11.32 -23.00 -3.55
N VAL A 343 -10.75 -22.06 -4.29
CA VAL A 343 -11.41 -20.76 -4.39
C VAL A 343 -12.53 -20.77 -5.44
N PRO A 344 -13.78 -20.63 -4.99
CA PRO A 344 -14.92 -20.67 -5.94
C PRO A 344 -14.74 -19.61 -7.04
N GLY A 345 -14.84 -20.06 -8.28
CA GLY A 345 -14.66 -19.17 -9.41
C GLY A 345 -13.49 -19.56 -10.30
N PHE A 346 -12.56 -20.36 -9.76
CA PHE A 346 -11.35 -20.71 -10.50
C PHE A 346 -11.39 -22.11 -11.08
N SER A 347 -10.82 -22.24 -12.27
CA SER A 347 -10.78 -23.52 -12.99
C SER A 347 -9.78 -23.45 -14.14
N LYS A 348 -9.21 -24.60 -14.48
CA LYS A 348 -8.27 -24.67 -15.61
C LYS A 348 -8.97 -24.51 -16.96
N ASP A 349 -10.30 -24.59 -16.96
CA ASP A 349 -11.07 -24.69 -18.20
C ASP A 349 -11.76 -23.40 -18.64
N ASN A 350 -11.77 -22.36 -17.80
CA ASN A 350 -12.23 -21.06 -18.26
C ASN A 350 -11.20 -20.01 -17.85
N GLU A 351 -11.46 -18.75 -18.19
CA GLU A 351 -10.49 -17.68 -17.93
C GLU A 351 -10.46 -17.27 -16.45
N SER A 352 -11.32 -17.90 -15.64
CA SER A 352 -11.43 -17.59 -14.21
C SER A 352 -11.60 -16.10 -13.91
N LEU A 353 -12.45 -15.44 -14.69
CA LEU A 353 -12.77 -14.05 -14.41
C LEU A 353 -13.76 -14.02 -13.27
N ILE A 354 -13.34 -13.51 -12.11
CA ILE A 354 -14.18 -13.50 -10.92
C ILE A 354 -14.76 -12.13 -10.61
N SER A 355 -15.73 -12.11 -9.70
CA SER A 355 -16.35 -10.88 -9.23
C SER A 355 -15.69 -10.38 -7.96
N ARG A 356 -15.94 -9.13 -7.61
CA ARG A 356 -15.43 -8.61 -6.37
C ARG A 356 -15.89 -9.45 -5.18
N ALA A 357 -17.09 -9.99 -5.26
CA ALA A 357 -17.63 -10.78 -4.16
C ALA A 357 -16.90 -12.11 -4.07
N GLN A 358 -16.47 -12.64 -5.21
CA GLN A 358 -15.70 -13.87 -5.19
C GLN A 358 -14.29 -13.61 -4.70
N PHE A 359 -13.83 -12.38 -4.88
CA PHE A 359 -12.50 -12.01 -4.44
C PHE A 359 -12.44 -11.93 -2.91
N LEU A 360 -13.41 -11.25 -2.31
N LEU A 360 -13.40 -11.24 -2.31
CA LEU A 360 -13.50 -11.15 -0.85
CA LEU A 360 -13.48 -11.15 -0.85
C LEU A 360 -13.58 -12.54 -0.23
C LEU A 360 -13.58 -12.54 -0.23
N ALA A 361 -14.40 -13.40 -0.84
CA ALA A 361 -14.57 -14.76 -0.37
C ALA A 361 -13.27 -15.56 -0.54
N GLY A 362 -12.56 -15.27 -1.64
CA GLY A 362 -11.30 -15.92 -1.92
C GLY A 362 -10.21 -15.53 -0.93
N VAL A 363 -10.20 -14.27 -0.52
CA VAL A 363 -9.17 -13.79 0.39
C VAL A 363 -9.34 -14.46 1.76
N ARG A 364 -10.57 -14.76 2.16
CA ARG A 364 -10.80 -15.46 3.42
C ARG A 364 -10.30 -16.91 3.34
N ILE A 365 -10.23 -17.46 2.13
CA ILE A 365 -9.76 -18.82 1.98
C ILE A 365 -8.25 -18.86 1.80
N GLY A 366 -7.72 -17.95 0.99
CA GLY A 366 -6.29 -17.84 0.77
C GLY A 366 -5.53 -17.46 2.02
N VAL A 367 -6.17 -16.68 2.90
CA VAL A 367 -5.54 -16.23 4.14
C VAL A 367 -6.33 -16.70 5.35
N PRO A 368 -6.53 -18.02 5.49
CA PRO A 368 -7.49 -18.59 6.45
C PRO A 368 -7.35 -18.12 7.89
N GLN A 369 -6.16 -17.68 8.29
CA GLN A 369 -5.95 -17.31 9.69
C GLN A 369 -6.21 -15.82 9.97
N ALA A 370 -6.68 -15.09 8.95
CA ALA A 370 -6.92 -13.66 9.09
C ALA A 370 -8.24 -13.34 9.78
N SER A 371 -8.18 -12.51 10.80
CA SER A 371 -9.38 -11.88 11.36
C SER A 371 -10.06 -10.98 10.33
N ASP A 372 -11.30 -10.58 10.59
CA ASP A 372 -12.05 -9.75 9.64
C ASP A 372 -11.27 -8.50 9.25
N LEU A 373 -10.70 -7.81 10.24
CA LEU A 373 -9.91 -6.63 9.96
C LEU A 373 -8.74 -6.92 9.01
N ALA A 374 -7.92 -7.91 9.36
CA ALA A 374 -6.77 -8.26 8.53
C ALA A 374 -7.18 -8.63 7.10
N ALA A 375 -8.26 -9.38 6.95
CA ALA A 375 -8.76 -9.73 5.64
C ALA A 375 -9.12 -8.49 4.86
N GLU A 376 -9.68 -7.48 5.54
CA GLU A 376 -10.02 -6.26 4.84
C GLU A 376 -8.76 -5.53 4.41
N ALA A 377 -7.76 -5.50 5.28
CA ALA A 377 -6.47 -4.93 4.91
C ALA A 377 -5.89 -5.54 3.61
N VAL A 378 -5.88 -6.87 3.52
N VAL A 378 -5.87 -6.87 3.48
CA VAL A 378 -5.40 -7.57 2.32
CA VAL A 378 -5.30 -7.45 2.27
C VAL A 378 -6.17 -7.09 1.11
C VAL A 378 -6.17 -7.13 1.04
N VAL A 379 -7.49 -7.15 1.22
CA VAL A 379 -8.40 -6.73 0.15
C VAL A 379 -8.15 -5.28 -0.28
N LEU A 380 -7.90 -4.42 0.70
CA LEU A 380 -7.74 -3.01 0.37
C LEU A 380 -6.42 -2.81 -0.35
N HIS A 381 -5.41 -3.58 0.04
CA HIS A 381 -4.10 -3.45 -0.56
C HIS A 381 -4.00 -3.98 -1.99
N TYR A 382 -4.70 -5.09 -2.26
CA TYR A 382 -4.58 -5.77 -3.54
C TYR A 382 -5.62 -5.31 -4.55
N THR A 383 -6.65 -4.61 -4.08
CA THR A 383 -7.64 -4.00 -4.96
C THR A 383 -6.98 -2.92 -5.80
N ASP A 384 -7.34 -2.85 -7.07
CA ASP A 384 -6.91 -1.75 -7.91
C ASP A 384 -8.02 -0.69 -7.94
N TRP A 385 -7.84 0.42 -7.23
CA TRP A 385 -8.94 1.36 -7.05
C TRP A 385 -9.24 2.24 -8.26
N LEU A 386 -8.48 2.06 -9.33
CA LEU A 386 -8.89 2.57 -10.64
C LEU A 386 -10.01 1.70 -11.21
N HIS A 387 -9.78 0.39 -11.16
CA HIS A 387 -10.69 -0.59 -11.73
C HIS A 387 -11.05 -1.66 -10.71
N PRO A 388 -11.69 -1.27 -9.59
CA PRO A 388 -11.90 -2.16 -8.44
C PRO A 388 -12.86 -3.32 -8.68
N GLU A 389 -13.47 -3.38 -9.85
CA GLU A 389 -14.40 -4.46 -10.15
C GLU A 389 -14.00 -5.24 -11.39
N ASP A 390 -12.84 -4.95 -11.94
CA ASP A 390 -12.43 -5.58 -13.20
C ASP A 390 -12.07 -7.04 -12.92
N PRO A 391 -12.86 -7.97 -13.49
CA PRO A 391 -12.69 -9.40 -13.24
C PRO A 391 -11.28 -9.89 -13.58
N THR A 392 -10.63 -9.27 -14.57
CA THR A 392 -9.29 -9.68 -14.90
C THR A 392 -8.34 -9.28 -13.77
N HIS A 393 -8.36 -8.01 -13.37
N HIS A 393 -8.40 -8.01 -13.38
CA HIS A 393 -7.47 -7.61 -12.28
CA HIS A 393 -7.55 -7.49 -12.31
C HIS A 393 -7.72 -8.45 -11.05
C HIS A 393 -7.77 -8.20 -10.98
N LEU A 394 -8.99 -8.66 -10.73
CA LEU A 394 -9.34 -9.38 -9.50
C LEU A 394 -8.78 -10.79 -9.52
N ARG A 395 -8.95 -11.48 -10.64
CA ARG A 395 -8.38 -12.80 -10.85
C ARG A 395 -6.87 -12.81 -10.58
N ASP A 396 -6.15 -11.91 -11.25
CA ASP A 396 -4.71 -11.82 -11.10
C ASP A 396 -4.32 -11.41 -9.67
N ALA A 397 -5.15 -10.60 -9.03
CA ALA A 397 -4.87 -10.12 -7.67
C ALA A 397 -5.02 -11.25 -6.67
N MET A 398 -6.02 -12.10 -6.90
CA MET A 398 -6.23 -13.26 -6.06
C MET A 398 -5.01 -14.17 -6.09
N SER A 399 -4.53 -14.45 -7.31
CA SER A 399 -3.35 -15.28 -7.48
C SER A 399 -2.18 -14.64 -6.75
N ALA A 400 -2.04 -13.33 -6.89
CA ALA A 400 -0.96 -12.58 -6.24
C ALA A 400 -1.05 -12.66 -4.71
N VAL A 401 -2.27 -12.62 -4.16
CA VAL A 401 -2.44 -12.76 -2.72
C VAL A 401 -1.89 -14.09 -2.20
N VAL A 402 -2.32 -15.18 -2.82
CA VAL A 402 -1.87 -16.51 -2.43
C VAL A 402 -0.36 -16.71 -2.67
N GLY A 403 0.11 -16.22 -3.81
CA GLY A 403 1.53 -16.25 -4.13
C GLY A 403 2.36 -15.50 -3.10
N ASP A 404 1.98 -14.26 -2.82
CA ASP A 404 2.79 -13.39 -1.97
C ASP A 404 2.81 -13.83 -0.51
N HIS A 405 1.65 -14.23 -0.03
CA HIS A 405 1.49 -14.65 1.36
C HIS A 405 2.29 -15.94 1.66
N ASN A 406 2.26 -16.87 0.73
CA ASN A 406 2.78 -18.21 0.98
C ASN A 406 4.21 -18.48 0.47
N VAL A 407 4.64 -17.80 -0.59
CA VAL A 407 5.97 -18.04 -1.12
C VAL A 407 6.82 -16.76 -1.17
N VAL A 408 6.43 -15.79 -1.98
CA VAL A 408 7.33 -14.67 -2.29
C VAL A 408 7.78 -13.84 -1.09
N CYS A 409 6.91 -13.62 -0.12
CA CYS A 409 7.30 -12.79 1.01
C CYS A 409 7.99 -13.58 2.10
N PRO A 410 7.59 -14.84 2.30
CA PRO A 410 8.50 -15.69 3.08
C PRO A 410 9.90 -15.77 2.48
N VAL A 411 10.00 -15.90 1.16
CA VAL A 411 11.32 -16.02 0.53
C VAL A 411 12.09 -14.70 0.67
N ALA A 412 11.39 -13.59 0.47
CA ALA A 412 12.04 -12.29 0.64
C ALA A 412 12.48 -12.11 2.08
N GLN A 413 11.64 -12.53 3.03
CA GLN A 413 12.04 -12.41 4.43
C GLN A 413 13.23 -13.31 4.70
N LEU A 414 13.26 -14.49 4.10
CA LEU A 414 14.37 -15.42 4.33
C LEU A 414 15.67 -14.87 3.74
N ALA A 415 15.64 -14.43 2.48
CA ALA A 415 16.80 -13.82 1.85
C ALA A 415 17.28 -12.61 2.65
N GLY A 416 16.32 -11.83 3.13
CA GLY A 416 16.63 -10.67 3.96
C GLY A 416 17.33 -11.02 5.24
N ARG A 417 16.77 -11.96 6.01
CA ARG A 417 17.35 -12.30 7.30
C ARG A 417 18.71 -12.97 7.14
N LEU A 418 18.82 -13.96 6.25
CA LEU A 418 20.09 -14.67 6.05
C LEU A 418 21.22 -13.72 5.65
N ALA A 419 20.94 -12.87 4.66
CA ALA A 419 21.94 -11.97 4.10
C ALA A 419 22.54 -11.07 5.17
N ALA A 420 21.67 -10.48 5.99
CA ALA A 420 22.08 -9.59 7.06
C ALA A 420 22.93 -10.34 8.06
N GLN A 421 22.69 -11.64 8.17
CA GLN A 421 23.34 -12.43 9.21
C GLN A 421 24.46 -13.31 8.67
N GLY A 422 25.09 -12.85 7.58
CA GLY A 422 26.37 -13.36 7.17
C GLY A 422 26.39 -14.29 5.97
N ALA A 423 25.19 -14.63 5.49
CA ALA A 423 25.08 -15.59 4.41
C ALA A 423 25.44 -14.95 3.09
N ARG A 424 25.92 -15.76 2.15
CA ARG A 424 26.02 -15.32 0.77
C ARG A 424 24.74 -15.75 0.07
N VAL A 425 23.90 -14.79 -0.30
CA VAL A 425 22.60 -15.14 -0.87
C VAL A 425 22.52 -14.77 -2.34
N TYR A 426 22.00 -15.67 -3.17
CA TYR A 426 21.76 -15.37 -4.59
C TYR A 426 20.29 -15.55 -4.87
N ALA A 427 19.69 -14.62 -5.61
CA ALA A 427 18.23 -14.66 -5.76
C ALA A 427 17.74 -14.47 -7.20
N TYR A 428 16.63 -15.13 -7.53
CA TYR A 428 16.09 -15.09 -8.89
C TYR A 428 14.58 -15.04 -8.86
N ILE A 429 13.99 -14.48 -9.92
CA ILE A 429 12.61 -14.78 -10.21
C ILE A 429 12.57 -15.50 -11.55
N PHE A 430 11.85 -16.63 -11.61
CA PHE A 430 11.80 -17.43 -12.82
C PHE A 430 10.60 -17.06 -13.66
N GLU A 431 10.84 -16.47 -14.82
CA GLU A 431 9.79 -15.83 -15.58
C GLU A 431 9.46 -16.45 -16.94
N HIS A 432 9.82 -17.71 -17.16
CA HIS A 432 9.53 -18.29 -18.47
C HIS A 432 8.48 -19.39 -18.47
N ARG A 433 7.43 -19.14 -19.23
CA ARG A 433 6.35 -20.12 -19.40
C ARG A 433 6.73 -21.18 -20.44
N ALA A 434 6.79 -22.43 -20.00
CA ALA A 434 7.19 -23.53 -20.89
C ALA A 434 6.22 -23.65 -22.03
N SER A 435 6.74 -23.71 -23.26
CA SER A 435 5.91 -23.80 -24.46
C SER A 435 5.04 -25.03 -24.42
N THR A 436 5.46 -26.02 -23.65
CA THR A 436 4.80 -27.31 -23.53
C THR A 436 3.78 -27.35 -22.39
N LEU A 437 3.49 -26.21 -21.80
CA LEU A 437 2.66 -26.18 -20.60
C LEU A 437 1.21 -26.56 -20.91
N THR A 438 0.58 -27.33 -20.03
CA THR A 438 -0.81 -27.74 -20.26
C THR A 438 -1.83 -26.89 -19.50
N TRP A 439 -1.37 -26.14 -18.50
CA TRP A 439 -2.25 -25.23 -17.77
C TRP A 439 -2.63 -24.04 -18.65
N PRO A 440 -3.77 -23.39 -18.34
CA PRO A 440 -4.23 -22.29 -19.20
C PRO A 440 -3.32 -21.07 -19.12
N LEU A 441 -3.36 -20.24 -20.14
CA LEU A 441 -2.53 -19.05 -20.17
C LEU A 441 -2.70 -18.16 -18.93
N TRP A 442 -3.91 -18.07 -18.38
CA TRP A 442 -4.15 -17.14 -17.29
C TRP A 442 -3.33 -17.50 -16.06
N MET A 443 -2.93 -18.76 -15.93
CA MET A 443 -2.17 -19.17 -14.75
C MET A 443 -0.72 -18.72 -14.83
N GLY A 444 -0.33 -18.19 -16.00
CA GLY A 444 0.98 -17.58 -16.17
C GLY A 444 2.13 -18.57 -16.08
N VAL A 445 3.17 -18.21 -15.31
CA VAL A 445 4.28 -19.11 -15.03
C VAL A 445 4.04 -19.71 -13.65
N PRO A 446 3.35 -20.85 -13.60
CA PRO A 446 2.83 -21.37 -12.33
C PRO A 446 3.87 -22.13 -11.52
N HIS A 447 3.58 -22.20 -10.22
CA HIS A 447 4.38 -22.93 -9.25
C HIS A 447 4.83 -24.33 -9.74
N GLY A 448 6.13 -24.59 -9.65
CA GLY A 448 6.67 -25.89 -9.99
C GLY A 448 7.17 -26.08 -11.41
N TYR A 449 6.93 -25.11 -12.28
CA TYR A 449 7.29 -25.31 -13.68
C TYR A 449 8.60 -24.62 -14.06
N GLU A 450 9.47 -24.44 -13.07
CA GLU A 450 10.89 -24.15 -13.33
C GLU A 450 11.71 -25.44 -13.25
N ILE A 451 11.20 -26.40 -12.48
CA ILE A 451 11.91 -27.65 -12.22
C ILE A 451 12.32 -28.35 -13.52
N GLU A 452 11.39 -28.43 -14.47
CA GLU A 452 11.62 -29.11 -15.74
C GLU A 452 12.89 -28.58 -16.40
N PHE A 453 13.16 -27.29 -16.21
CA PHE A 453 14.31 -26.70 -16.89
C PHE A 453 15.63 -26.89 -16.14
N ILE A 454 15.56 -27.04 -14.83
CA ILE A 454 16.77 -27.16 -14.04
C ILE A 454 17.31 -28.55 -14.14
N PHE A 455 16.41 -29.53 -14.22
CA PHE A 455 16.80 -30.92 -14.45
C PHE A 455 17.12 -31.17 -15.92
N GLY A 456 16.72 -30.25 -16.79
CA GLY A 456 17.12 -30.24 -18.18
C GLY A 456 16.33 -31.13 -19.14
N LEU A 457 15.08 -31.38 -18.82
CA LEU A 457 14.22 -32.16 -19.68
C LEU A 457 14.14 -31.62 -21.13
N PRO A 458 14.18 -30.30 -21.33
CA PRO A 458 14.21 -29.82 -22.73
C PRO A 458 15.29 -30.43 -23.62
N LEU A 459 16.34 -31.00 -23.05
CA LEU A 459 17.43 -31.57 -23.87
C LEU A 459 17.03 -32.92 -24.48
N ASP A 460 15.91 -33.45 -24.02
CA ASP A 460 15.31 -34.66 -24.56
C ASP A 460 14.55 -34.33 -25.84
N PRO A 461 15.14 -34.65 -27.00
CA PRO A 461 14.60 -34.17 -28.28
C PRO A 461 13.14 -34.51 -28.44
N SER A 462 12.74 -35.63 -27.85
CA SER A 462 11.41 -36.18 -28.02
C SER A 462 10.33 -35.48 -27.17
N LEU A 463 10.71 -34.45 -26.43
CA LEU A 463 9.75 -33.80 -25.56
C LEU A 463 9.14 -32.57 -26.20
N ASN A 464 9.56 -32.28 -27.42
CA ASN A 464 8.97 -31.22 -28.23
C ASN A 464 9.08 -29.81 -27.60
N TYR A 465 10.14 -29.57 -26.83
CA TYR A 465 10.48 -28.21 -26.39
C TYR A 465 11.08 -27.44 -27.56
N THR A 466 11.16 -26.11 -27.45
CA THR A 466 11.75 -25.31 -28.52
C THR A 466 13.27 -25.37 -28.43
N THR A 467 13.96 -24.88 -29.45
CA THR A 467 15.41 -24.87 -29.43
C THR A 467 15.97 -23.81 -28.46
N GLU A 468 15.34 -22.65 -28.39
CA GLU A 468 15.80 -21.63 -27.45
C GLU A 468 15.59 -22.12 -26.01
N GLU A 469 14.54 -22.91 -25.80
CA GLU A 469 14.28 -23.52 -24.50
C GLU A 469 15.37 -24.53 -24.11
N ARG A 470 15.93 -25.21 -25.12
CA ARG A 470 17.04 -26.11 -24.92
C ARG A 470 18.27 -25.36 -24.36
N ILE A 471 18.68 -24.29 -25.04
CA ILE A 471 19.78 -23.43 -24.58
C ILE A 471 19.51 -22.83 -23.21
N PHE A 472 18.26 -22.47 -22.98
CA PHE A 472 17.85 -21.91 -21.70
C PHE A 472 18.08 -22.92 -20.57
N ALA A 473 17.62 -24.15 -20.76
CA ALA A 473 17.78 -25.17 -19.74
C ALA A 473 19.27 -25.42 -19.49
N GLN A 474 20.05 -25.37 -20.56
CA GLN A 474 21.49 -25.54 -20.46
C GLN A 474 22.09 -24.47 -19.57
N ARG A 475 21.56 -23.26 -19.66
CA ARG A 475 22.08 -22.16 -18.87
C ARG A 475 21.83 -22.36 -17.38
N LEU A 476 20.62 -22.76 -17.03
N LEU A 476 20.61 -22.77 -17.04
CA LEU A 476 20.26 -22.96 -15.63
CA LEU A 476 20.23 -22.98 -15.64
C LEU A 476 21.05 -24.09 -15.00
C LEU A 476 21.02 -24.10 -14.98
N MET A 477 21.20 -25.19 -15.72
CA MET A 477 21.98 -26.33 -15.24
C MET A 477 23.39 -25.86 -14.93
N LYS A 478 23.92 -24.98 -15.77
CA LYS A 478 25.19 -24.35 -15.50
C LYS A 478 25.12 -23.48 -14.24
N TYR A 479 24.01 -22.78 -14.01
CA TYR A 479 23.90 -21.92 -12.82
C TYR A 479 23.89 -22.74 -11.55
N TRP A 480 23.01 -23.72 -11.51
CA TRP A 480 22.82 -24.56 -10.33
C TRP A 480 24.09 -25.34 -9.99
N THR A 481 24.76 -25.88 -11.01
CA THR A 481 25.95 -26.68 -10.77
C THR A 481 27.20 -25.85 -10.46
N ASN A 482 27.37 -24.73 -11.16
CA ASN A 482 28.41 -23.78 -10.79
C ASN A 482 28.26 -23.38 -9.35
N PHE A 483 27.01 -23.11 -8.95
CA PHE A 483 26.75 -22.78 -7.56
C PHE A 483 27.15 -23.93 -6.65
N ALA A 484 26.68 -25.13 -6.98
CA ALA A 484 27.03 -26.33 -6.24
C ALA A 484 28.53 -26.57 -6.13
N ARG A 485 29.24 -26.35 -7.24
CA ARG A 485 30.69 -26.50 -7.24
C ARG A 485 31.41 -25.43 -6.44
N THR A 486 30.98 -24.18 -6.56
CA THR A 486 31.77 -23.05 -6.06
C THR A 486 31.09 -22.19 -4.98
N GLY A 487 29.78 -22.28 -4.87
CA GLY A 487 29.04 -21.38 -4.00
C GLY A 487 28.71 -20.09 -4.72
N ASP A 488 28.65 -20.17 -6.04
CA ASP A 488 28.57 -19.01 -6.92
C ASP A 488 28.01 -19.44 -8.28
N PRO A 489 26.84 -18.92 -8.67
CA PRO A 489 26.15 -19.32 -9.91
C PRO A 489 26.96 -18.99 -11.14
N ASN A 490 27.71 -17.90 -11.07
CA ASN A 490 28.40 -17.35 -12.23
C ASN A 490 29.50 -18.25 -12.73
N ASP A 491 29.56 -18.40 -14.06
CA ASP A 491 30.64 -19.15 -14.66
C ASP A 491 31.94 -18.39 -14.42
N PRO A 492 32.96 -19.07 -13.86
CA PRO A 492 34.24 -18.43 -13.57
C PRO A 492 34.89 -17.82 -14.82
N ARG A 493 35.17 -18.65 -15.81
CA ARG A 493 35.85 -18.22 -17.04
C ARG A 493 34.99 -17.28 -17.88
N ASP A 494 33.67 -17.35 -17.69
CA ASP A 494 32.73 -16.55 -18.47
C ASP A 494 32.18 -15.36 -17.67
N SER A 495 32.88 -14.24 -17.75
CA SER A 495 32.45 -12.98 -17.14
C SER A 495 32.23 -11.90 -18.20
N LYS A 496 32.23 -12.31 -19.46
CA LYS A 496 31.72 -11.50 -20.56
C LYS A 496 30.19 -11.36 -20.46
N SER A 497 29.52 -12.49 -20.26
CA SER A 497 28.08 -12.50 -20.04
C SER A 497 27.76 -11.88 -18.68
N PRO A 498 26.55 -11.31 -18.53
CA PRO A 498 26.19 -10.52 -17.35
C PRO A 498 26.33 -11.28 -16.03
N GLN A 499 26.80 -10.59 -15.00
CA GLN A 499 27.05 -11.21 -13.70
C GLN A 499 25.81 -11.23 -12.81
N TRP A 500 25.65 -12.34 -12.08
CA TRP A 500 24.62 -12.50 -11.06
C TRP A 500 25.20 -12.06 -9.73
N PRO A 501 24.73 -10.90 -9.23
CA PRO A 501 25.25 -10.37 -7.96
C PRO A 501 24.53 -10.99 -6.78
N PRO A 502 25.18 -11.06 -5.60
CA PRO A 502 24.49 -11.56 -4.41
C PRO A 502 23.40 -10.60 -3.93
N TYR A 503 22.27 -11.12 -3.47
CA TYR A 503 21.24 -10.29 -2.83
C TYR A 503 21.74 -9.75 -1.51
N THR A 504 21.83 -8.42 -1.40
CA THR A 504 22.23 -7.78 -0.15
C THR A 504 21.05 -7.08 0.47
N THR A 505 21.11 -6.77 1.75
CA THR A 505 20.03 -6.00 2.35
C THR A 505 20.08 -4.58 1.79
N ALA A 506 21.29 -4.07 1.59
CA ALA A 506 21.47 -2.68 1.13
C ALA A 506 20.96 -2.42 -0.28
N ALA A 507 21.11 -3.38 -1.19
CA ALA A 507 20.74 -3.15 -2.59
C ALA A 507 19.64 -4.08 -3.09
N GLN A 508 19.34 -5.11 -2.30
CA GLN A 508 18.33 -6.12 -2.63
C GLN A 508 18.27 -6.55 -4.09
N GLN A 509 19.43 -6.89 -4.66
CA GLN A 509 19.49 -7.28 -6.06
C GLN A 509 19.04 -8.73 -6.26
N TYR A 510 18.43 -9.01 -7.41
CA TYR A 510 18.11 -10.38 -7.81
C TYR A 510 18.10 -10.43 -9.35
N VAL A 511 18.15 -11.61 -9.98
CA VAL A 511 18.13 -11.63 -11.43
C VAL A 511 16.86 -12.27 -12.01
N SER A 512 16.54 -11.89 -13.23
CA SER A 512 15.44 -12.48 -13.96
C SER A 512 15.94 -13.69 -14.71
N LEU A 513 15.26 -14.82 -14.52
N LEU A 513 15.23 -14.81 -14.57
CA LEU A 513 15.58 -16.01 -15.28
CA LEU A 513 15.56 -16.03 -15.29
C LEU A 513 14.56 -16.18 -16.41
C LEU A 513 14.58 -16.25 -16.43
N ASN A 514 14.94 -15.78 -17.62
CA ASN A 514 14.09 -15.96 -18.81
C ASN A 514 14.93 -16.26 -20.05
N LEU A 515 14.30 -16.21 -21.22
N LEU A 515 14.30 -16.21 -21.22
CA LEU A 515 14.98 -16.51 -22.47
CA LEU A 515 14.97 -16.50 -22.48
C LEU A 515 16.02 -15.44 -22.81
C LEU A 515 16.01 -15.45 -22.81
N LYS A 516 15.78 -14.22 -22.35
CA LYS A 516 16.73 -13.15 -22.51
C LYS A 516 17.89 -13.36 -21.52
N PRO A 517 19.02 -12.68 -21.74
CA PRO A 517 20.11 -12.79 -20.76
C PRO A 517 19.74 -12.21 -19.39
N LEU A 518 20.56 -12.53 -18.39
N LEU A 518 20.56 -12.53 -18.39
CA LEU A 518 20.32 -12.08 -17.02
CA LEU A 518 20.35 -12.08 -17.02
C LEU A 518 20.10 -10.59 -16.92
C LEU A 518 20.11 -10.58 -16.92
N GLU A 519 19.07 -10.23 -16.17
CA GLU A 519 18.74 -8.84 -15.93
C GLU A 519 18.71 -8.63 -14.42
N VAL A 520 19.52 -7.70 -13.93
CA VAL A 520 19.57 -7.42 -12.49
C VAL A 520 18.46 -6.43 -12.09
N ARG A 521 17.63 -6.86 -11.14
CA ARG A 521 16.55 -6.04 -10.63
C ARG A 521 16.75 -5.73 -9.16
N ARG A 522 16.26 -4.58 -8.73
CA ARG A 522 16.39 -4.25 -7.33
C ARG A 522 15.02 -4.44 -6.67
N GLY A 523 15.03 -4.91 -5.43
CA GLY A 523 13.83 -4.99 -4.61
C GLY A 523 12.87 -6.09 -4.98
N LEU A 524 12.75 -7.05 -4.07
CA LEU A 524 11.94 -8.25 -4.32
C LEU A 524 10.51 -8.08 -3.83
N ARG A 525 9.68 -7.49 -4.68
CA ARG A 525 8.32 -7.12 -4.31
C ARG A 525 8.36 -6.38 -2.97
N ALA A 526 9.28 -5.42 -2.88
CA ALA A 526 9.62 -4.76 -1.61
C ALA A 526 8.44 -4.14 -0.84
N GLN A 527 7.61 -3.31 -1.48
CA GLN A 527 6.50 -2.68 -0.74
C GLN A 527 5.49 -3.73 -0.25
N THR A 528 4.95 -4.54 -1.15
CA THR A 528 3.95 -5.53 -0.79
C THR A 528 4.45 -6.50 0.31
N CYS A 529 5.74 -6.78 0.35
CA CYS A 529 6.21 -7.69 1.39
C CYS A 529 6.40 -6.97 2.74
N ALA A 530 6.48 -5.65 2.73
CA ALA A 530 6.48 -4.91 3.98
C ALA A 530 5.13 -5.10 4.65
N PHE A 531 4.07 -5.09 3.84
CA PHE A 531 2.74 -5.43 4.33
C PHE A 531 2.66 -6.81 4.99
N TRP A 532 3.12 -7.84 4.29
CA TRP A 532 2.96 -9.21 4.77
C TRP A 532 3.90 -9.57 5.90
N ASN A 533 5.05 -8.92 5.95
CA ASN A 533 6.08 -9.31 6.89
C ASN A 533 6.22 -8.38 8.08
N ARG A 534 5.85 -7.12 7.91
CA ARG A 534 5.98 -6.18 9.01
C ARG A 534 4.62 -5.82 9.60
N PHE A 535 3.70 -5.39 8.75
CA PHE A 535 2.42 -4.89 9.24
C PHE A 535 1.48 -5.99 9.70
N LEU A 536 1.21 -6.95 8.82
CA LEU A 536 0.19 -7.94 9.11
C LEU A 536 0.37 -8.69 10.43
N PRO A 537 1.60 -9.15 10.75
CA PRO A 537 1.67 -9.84 12.06
C PRO A 537 1.32 -8.93 13.24
N LYS A 538 1.64 -7.64 13.17
CA LYS A 538 1.20 -6.69 14.20
C LYS A 538 -0.33 -6.52 14.23
N LEU A 539 -0.97 -6.72 13.09
CA LEU A 539 -2.41 -6.53 12.96
C LEU A 539 -3.17 -7.73 13.50
N LEU A 540 -2.67 -8.92 13.23
CA LEU A 540 -3.25 -10.13 13.81
C LEU A 540 -3.03 -10.17 15.32
N SER A 541 -1.93 -9.55 15.76
CA SER A 541 -1.55 -9.50 17.16
C SER A 541 -2.22 -8.35 17.90
N ALA A 542 -3.28 -7.80 17.31
CA ALA A 542 -4.07 -6.76 17.93
C ALA A 542 -5.55 -7.00 17.62
N THR A 543 -5.87 -8.25 17.33
CA THR A 543 -7.24 -8.70 17.13
C THR A 543 -7.38 -10.09 17.74
N GLU B 4 -17.72 64.89 -9.75
CA GLU B 4 -17.11 63.59 -9.47
C GLU B 4 -17.64 62.49 -10.40
N ASP B 5 -16.91 61.38 -10.44
CA ASP B 5 -17.08 60.29 -11.43
C ASP B 5 -18.30 59.40 -11.17
N PRO B 6 -19.29 59.42 -12.08
CA PRO B 6 -20.55 58.69 -11.91
C PRO B 6 -20.40 57.17 -11.94
N GLN B 7 -19.33 56.68 -12.55
CA GLN B 7 -19.09 55.24 -12.56
C GLN B 7 -18.70 54.73 -11.18
N LEU B 8 -18.20 55.63 -10.34
CA LEU B 8 -17.73 55.26 -9.01
C LEU B 8 -18.81 55.48 -7.96
N LEU B 9 -20.00 55.86 -8.44
CA LEU B 9 -21.12 56.17 -7.56
C LEU B 9 -22.23 55.13 -7.59
N VAL B 10 -22.31 54.32 -6.56
CA VAL B 10 -23.29 53.25 -6.52
C VAL B 10 -24.26 53.36 -5.36
N ARG B 11 -25.55 53.16 -5.63
CA ARG B 11 -26.54 53.12 -4.57
C ARG B 11 -27.00 51.69 -4.22
N VAL B 12 -26.76 51.30 -2.97
CA VAL B 12 -27.17 49.99 -2.46
C VAL B 12 -28.26 50.17 -1.40
N ARG B 13 -28.87 49.09 -0.95
CA ARG B 13 -30.03 49.15 -0.02
C ARG B 13 -29.79 50.08 1.18
N GLY B 14 -28.53 50.17 1.60
CA GLY B 14 -28.20 50.84 2.84
C GLY B 14 -27.83 52.28 2.64
N GLY B 15 -27.54 52.64 1.39
CA GLY B 15 -27.19 54.01 1.10
C GLY B 15 -26.32 54.18 -0.12
N GLN B 16 -25.44 55.17 -0.07
CA GLN B 16 -24.63 55.50 -1.23
C GLN B 16 -23.14 55.25 -1.04
N LEU B 17 -22.49 54.78 -2.09
CA LEU B 17 -21.07 54.44 -2.07
C LEU B 17 -20.28 55.22 -3.09
N ARG B 18 -19.05 55.59 -2.73
CA ARG B 18 -18.07 56.09 -3.68
C ARG B 18 -16.92 55.10 -3.79
N GLY B 19 -16.72 54.56 -4.98
CA GLY B 19 -15.60 53.66 -5.18
C GLY B 19 -14.38 54.43 -5.60
N ILE B 20 -13.40 53.72 -6.13
CA ILE B 20 -12.18 54.35 -6.59
C ILE B 20 -11.74 53.71 -7.89
N ARG B 21 -11.17 54.49 -8.79
CA ARG B 21 -10.68 53.95 -10.06
C ARG B 21 -9.25 53.47 -9.91
N LEU B 22 -9.01 52.22 -10.30
CA LEU B 22 -7.71 51.60 -10.16
C LEU B 22 -7.11 51.20 -11.50
N LYS B 23 -5.79 51.22 -11.57
CA LYS B 23 -5.10 50.80 -12.78
C LYS B 23 -4.66 49.34 -12.72
N ALA B 24 -5.22 48.55 -13.63
CA ALA B 24 -4.72 47.22 -13.95
C ALA B 24 -3.73 47.43 -15.09
N PRO B 25 -2.96 46.41 -15.47
CA PRO B 25 -1.96 46.80 -16.48
C PRO B 25 -2.58 47.09 -17.85
N GLY B 26 -3.73 46.49 -18.15
CA GLY B 26 -4.34 46.64 -19.46
C GLY B 26 -5.50 47.62 -19.56
N GLY B 27 -5.86 48.23 -18.44
CA GLY B 27 -6.97 49.16 -18.38
C GLY B 27 -7.41 49.44 -16.95
N PRO B 28 -8.32 50.39 -16.76
CA PRO B 28 -8.82 50.72 -15.42
C PRO B 28 -9.90 49.75 -14.91
N VAL B 29 -10.02 49.65 -13.59
CA VAL B 29 -11.14 48.95 -12.98
C VAL B 29 -11.81 49.82 -11.94
N SER B 30 -13.06 49.51 -11.64
CA SER B 30 -13.77 50.17 -10.55
C SER B 30 -13.70 49.33 -9.28
N ALA B 31 -13.23 49.92 -8.19
CA ALA B 31 -13.17 49.19 -6.93
C ALA B 31 -13.96 49.88 -5.84
N PHE B 32 -14.65 49.06 -5.06
CA PHE B 32 -15.45 49.51 -3.94
C PHE B 32 -15.04 48.72 -2.71
N LEU B 33 -14.17 49.32 -1.91
CA LEU B 33 -13.55 48.63 -0.79
C LEU B 33 -14.03 49.16 0.56
N GLY B 34 -14.41 48.26 1.46
CA GLY B 34 -14.77 48.65 2.81
C GLY B 34 -16.26 48.71 3.04
N ILE B 35 -17.04 48.12 2.13
CA ILE B 35 -18.49 48.15 2.24
C ILE B 35 -18.99 47.33 3.42
N PRO B 36 -19.69 47.97 4.35
CA PRO B 36 -20.13 47.18 5.51
C PRO B 36 -21.39 46.39 5.20
N PHE B 37 -21.43 45.11 5.57
CA PHE B 37 -22.62 44.31 5.32
C PHE B 37 -23.25 43.89 6.64
N ALA B 38 -22.61 44.28 7.73
CA ALA B 38 -23.12 43.92 9.05
C ALA B 38 -22.74 44.93 10.11
N GLU B 39 -23.63 45.07 11.08
CA GLU B 39 -23.34 45.82 12.31
C GLU B 39 -22.16 45.19 13.03
N PRO B 40 -21.15 46.00 13.36
CA PRO B 40 -19.94 45.58 14.07
C PRO B 40 -20.23 44.62 15.22
N PRO B 41 -19.65 43.41 15.18
CA PRO B 41 -19.89 42.36 16.18
C PRO B 41 -19.13 42.62 17.47
N VAL B 42 -19.04 43.88 17.86
CA VAL B 42 -18.32 44.27 19.07
C VAL B 42 -19.19 44.27 20.32
N GLY B 43 -18.53 44.23 21.46
CA GLY B 43 -19.20 44.32 22.74
C GLY B 43 -20.00 43.09 23.08
N SER B 44 -21.29 43.31 23.31
CA SER B 44 -22.19 42.26 23.74
C SER B 44 -22.54 41.35 22.57
N ARG B 45 -22.19 41.80 21.37
CA ARG B 45 -22.55 41.05 20.18
C ARG B 45 -21.38 40.14 19.73
N ARG B 46 -20.27 40.18 20.46
CA ARG B 46 -19.18 39.25 20.31
C ARG B 46 -19.69 37.82 20.53
N PHE B 47 -19.22 36.90 19.67
CA PHE B 47 -19.65 35.49 19.64
C PHE B 47 -21.05 35.26 19.06
N MET B 48 -21.82 36.33 18.88
CA MET B 48 -23.19 36.20 18.41
C MET B 48 -23.29 36.17 16.88
N PRO B 49 -24.44 35.73 16.35
CA PRO B 49 -24.58 35.81 14.90
C PRO B 49 -24.57 37.27 14.45
N PRO B 50 -24.17 37.53 13.20
CA PRO B 50 -24.14 38.89 12.69
C PRO B 50 -25.54 39.42 12.40
N GLU B 51 -25.70 40.75 12.36
CA GLU B 51 -26.97 41.37 11.98
C GLU B 51 -26.75 42.33 10.82
N PRO B 52 -27.75 42.47 9.93
CA PRO B 52 -27.69 43.38 8.77
C PRO B 52 -27.28 44.81 9.15
N LYS B 53 -26.45 45.44 8.31
CA LYS B 53 -25.98 46.82 8.53
C LYS B 53 -27.14 47.80 8.45
N ARG B 54 -27.21 48.72 9.41
CA ARG B 54 -28.25 49.73 9.35
C ARG B 54 -27.94 50.67 8.19
N PRO B 55 -28.97 51.23 7.56
CA PRO B 55 -28.80 52.26 6.52
C PRO B 55 -27.95 53.44 6.99
N TRP B 56 -27.34 54.16 6.04
CA TRP B 56 -26.50 55.30 6.38
C TRP B 56 -26.82 56.53 5.54
N SER B 57 -26.49 57.70 6.08
CA SER B 57 -26.69 58.97 5.42
C SER B 57 -25.49 59.33 4.54
N GLY B 58 -25.68 60.29 3.65
CA GLY B 58 -24.59 60.77 2.81
C GLY B 58 -23.99 59.72 1.90
N VAL B 59 -22.80 60.05 1.37
CA VAL B 59 -22.06 59.12 0.53
C VAL B 59 -20.93 58.43 1.30
N LEU B 60 -21.03 57.11 1.43
CA LEU B 60 -20.03 56.35 2.17
C LEU B 60 -18.77 56.18 1.34
N ASP B 61 -17.64 56.51 1.95
CA ASP B 61 -16.36 56.34 1.30
C ASP B 61 -15.94 54.87 1.27
N ALA B 62 -15.84 54.30 0.07
CA ALA B 62 -15.44 52.91 -0.11
C ALA B 62 -14.22 52.81 -1.00
N THR B 63 -13.15 53.51 -0.63
CA THR B 63 -11.99 53.62 -1.51
C THR B 63 -10.75 52.95 -0.90
N THR B 64 -10.90 52.42 0.32
CA THR B 64 -9.80 51.77 1.03
C THR B 64 -10.24 50.44 1.64
N PHE B 65 -9.29 49.55 1.88
CA PHE B 65 -9.60 48.32 2.61
C PHE B 65 -9.87 48.70 4.06
N GLN B 66 -10.85 48.03 4.65
CA GLN B 66 -11.17 48.21 6.07
C GLN B 66 -10.33 47.28 6.93
N ASN B 67 -10.59 47.30 8.24
CA ASN B 67 -9.82 46.52 9.20
C ASN B 67 -9.93 45.01 8.98
N VAL B 68 -8.89 44.31 9.41
CA VAL B 68 -8.80 42.85 9.37
C VAL B 68 -9.43 42.24 10.61
N CYS B 69 -10.19 41.15 10.47
CA CYS B 69 -10.81 40.54 11.65
C CYS B 69 -9.74 40.14 12.64
N TYR B 70 -10.03 40.36 13.93
CA TYR B 70 -9.01 40.16 14.95
C TYR B 70 -8.58 38.68 14.98
N GLN B 71 -7.27 38.47 14.94
CA GLN B 71 -6.69 37.16 14.70
C GLN B 71 -5.27 37.07 15.21
N TYR B 72 -4.76 35.85 15.29
CA TYR B 72 -3.35 35.58 15.55
C TYR B 72 -2.47 36.09 14.40
N VAL B 73 -1.33 36.69 14.75
CA VAL B 73 -0.33 37.09 13.77
C VAL B 73 0.89 36.15 13.81
N ASP B 74 1.24 35.55 12.67
CA ASP B 74 2.32 34.57 12.66
C ASP B 74 3.69 35.18 12.92
N THR B 75 4.48 34.48 13.74
CA THR B 75 5.79 34.98 14.11
C THR B 75 6.87 33.94 13.85
N LEU B 76 6.51 32.87 13.15
CA LEU B 76 7.44 31.78 12.94
C LEU B 76 8.71 32.26 12.24
N TYR B 77 8.55 33.10 11.24
CA TYR B 77 9.70 33.65 10.53
C TYR B 77 9.59 35.15 10.32
N PRO B 78 9.81 35.93 11.38
CA PRO B 78 9.55 37.38 11.36
C PRO B 78 10.33 38.11 10.27
N GLY B 79 9.62 38.78 9.36
CA GLY B 79 10.28 39.51 8.30
C GLY B 79 10.33 38.78 6.97
N PHE B 80 10.21 37.45 7.01
CA PHE B 80 10.27 36.62 5.80
C PHE B 80 8.98 36.73 4.99
N GLU B 81 9.11 37.04 3.70
CA GLU B 81 7.95 37.29 2.83
C GLU B 81 6.98 36.13 2.80
N GLY B 82 7.53 34.92 2.75
CA GLY B 82 6.73 33.71 2.62
C GLY B 82 5.67 33.51 3.70
N THR B 83 5.86 34.09 4.87
CA THR B 83 4.87 33.96 5.93
C THR B 83 4.14 35.27 6.16
N GLU B 84 4.84 36.37 5.93
CA GLU B 84 4.28 37.70 6.14
C GLU B 84 3.20 38.04 5.11
N MET B 85 3.27 37.41 3.94
CA MET B 85 2.30 37.68 2.89
C MET B 85 0.88 37.23 3.30
N TRP B 86 0.80 36.43 4.36
CA TRP B 86 -0.49 35.95 4.85
C TRP B 86 -0.93 36.81 6.02
N ASN B 87 0.04 37.40 6.69
CA ASN B 87 -0.21 38.30 7.81
C ASN B 87 -1.07 39.50 7.41
N PRO B 88 -1.85 40.02 8.36
CA PRO B 88 -2.73 41.15 8.14
C PRO B 88 -1.98 42.38 7.63
N ASN B 89 -2.50 43.03 6.57
CA ASN B 89 -1.88 44.22 6.01
C ASN B 89 -2.70 45.47 6.29
N ARG B 90 -3.68 45.33 7.18
CA ARG B 90 -4.40 46.47 7.73
C ARG B 90 -4.52 46.28 9.23
N GLU B 91 -4.93 47.30 9.95
CA GLU B 91 -5.05 47.21 11.40
C GLU B 91 -6.06 46.15 11.86
N LEU B 92 -5.81 45.54 13.01
N LEU B 92 -5.81 45.56 13.01
CA LEU B 92 -6.70 44.51 13.53
CA LEU B 92 -6.69 44.54 13.58
C LEU B 92 -7.85 45.11 14.35
C LEU B 92 -7.87 45.15 14.33
N SER B 93 -9.06 44.60 14.13
CA SER B 93 -10.25 45.06 14.85
C SER B 93 -11.33 43.99 14.91
N GLU B 94 -12.15 44.00 15.95
CA GLU B 94 -13.36 43.18 15.93
C GLU B 94 -14.37 43.82 14.99
N ASP B 95 -14.18 45.11 14.76
CA ASP B 95 -14.99 45.84 13.81
C ASP B 95 -14.50 45.56 12.41
N CYS B 96 -14.89 44.40 11.86
CA CYS B 96 -14.27 43.90 10.63
C CYS B 96 -15.21 43.32 9.57
N LEU B 97 -16.50 43.28 9.84
N LEU B 97 -16.51 43.33 9.84
CA LEU B 97 -17.45 42.74 8.88
CA LEU B 97 -17.48 42.77 8.91
C LEU B 97 -17.72 43.71 7.72
C LEU B 97 -17.71 43.72 7.73
N TYR B 98 -16.78 43.71 6.78
CA TYR B 98 -16.80 44.56 5.61
C TYR B 98 -16.50 43.72 4.36
N LEU B 99 -16.97 44.13 3.18
CA LEU B 99 -16.61 43.41 1.96
C LEU B 99 -16.11 44.32 0.81
N ASN B 100 -15.56 43.68 -0.22
CA ASN B 100 -14.92 44.38 -1.33
C ASN B 100 -15.49 43.94 -2.67
N VAL B 101 -15.59 44.87 -3.60
CA VAL B 101 -16.17 44.58 -4.91
C VAL B 101 -15.36 45.19 -6.05
N TRP B 102 -14.92 44.36 -6.99
CA TRP B 102 -14.26 44.86 -8.21
C TRP B 102 -15.15 44.65 -9.44
N THR B 103 -15.26 45.68 -10.28
CA THR B 103 -15.98 45.55 -11.56
C THR B 103 -15.19 46.20 -12.69
N PRO B 104 -15.51 45.87 -13.94
CA PRO B 104 -14.87 46.58 -15.04
C PRO B 104 -15.12 48.07 -14.97
N TYR B 105 -14.28 48.84 -15.65
CA TYR B 105 -14.47 50.26 -15.81
C TYR B 105 -14.49 50.54 -17.30
N PRO B 106 -15.65 50.97 -17.83
CA PRO B 106 -16.90 51.32 -17.15
C PRO B 106 -17.62 50.11 -16.55
N ARG B 107 -18.63 50.37 -15.71
CA ARG B 107 -19.50 49.32 -15.17
C ARG B 107 -19.96 48.37 -16.29
N PRO B 108 -20.15 47.08 -15.96
CA PRO B 108 -20.70 46.16 -16.96
C PRO B 108 -22.04 46.61 -17.53
N ALA B 109 -22.19 46.55 -18.84
CA ALA B 109 -23.43 46.90 -19.52
C ALA B 109 -24.48 45.80 -19.30
N SER B 110 -24.02 44.56 -19.31
CA SER B 110 -24.90 43.42 -19.13
C SER B 110 -24.68 42.80 -17.75
N PRO B 111 -25.71 42.12 -17.22
CA PRO B 111 -25.49 41.41 -15.97
C PRO B 111 -24.34 40.39 -16.10
N THR B 112 -23.29 40.60 -15.31
CA THR B 112 -22.05 39.86 -15.41
C THR B 112 -21.94 38.80 -14.34
N PRO B 113 -21.43 37.60 -14.69
CA PRO B 113 -21.23 36.56 -13.66
C PRO B 113 -20.37 37.05 -12.49
N VAL B 114 -20.76 36.62 -11.28
CA VAL B 114 -20.12 37.06 -10.05
C VAL B 114 -19.27 35.96 -9.45
N LEU B 115 -18.05 36.27 -9.11
CA LEU B 115 -17.20 35.37 -8.34
C LEU B 115 -17.01 35.92 -6.94
N ILE B 116 -17.28 35.09 -5.94
CA ILE B 116 -17.14 35.50 -4.55
C ILE B 116 -16.07 34.66 -3.88
N TRP B 117 -15.07 35.34 -3.31
CA TRP B 117 -13.88 34.70 -2.75
C TRP B 117 -13.87 34.62 -1.22
N ILE B 118 -13.53 33.45 -0.70
CA ILE B 118 -13.47 33.22 0.74
C ILE B 118 -12.08 32.74 1.17
N TYR B 119 -11.31 33.62 1.82
CA TYR B 119 -9.92 33.30 2.14
C TYR B 119 -9.72 32.10 3.06
N GLY B 120 -8.49 31.62 3.09
CA GLY B 120 -8.07 30.65 4.08
C GLY B 120 -7.34 31.32 5.24
N GLY B 121 -6.81 30.50 6.13
CA GLY B 121 -6.16 30.95 7.34
C GLY B 121 -6.53 30.03 8.50
N GLY B 122 -6.97 28.82 8.18
CA GLY B 122 -7.30 27.80 9.18
C GLY B 122 -8.43 28.13 10.13
N PHE B 123 -9.30 29.06 9.71
CA PHE B 123 -10.35 29.60 10.58
C PHE B 123 -9.75 30.32 11.80
N TYR B 124 -8.48 30.70 11.74
CA TYR B 124 -7.86 31.43 12.85
C TYR B 124 -7.20 32.71 12.37
N SER B 125 -7.11 32.87 11.04
CA SER B 125 -6.47 34.04 10.46
C SER B 125 -7.06 34.34 9.08
N GLY B 126 -6.59 35.40 8.45
CA GLY B 126 -7.01 35.74 7.10
C GLY B 126 -7.64 37.12 6.95
N ALA B 127 -7.59 37.64 5.72
CA ALA B 127 -8.19 38.92 5.37
C ALA B 127 -8.42 38.99 3.88
N ALA B 128 -9.37 39.79 3.43
CA ALA B 128 -9.62 39.90 1.99
C ALA B 128 -8.73 40.94 1.35
N SER B 129 -7.91 41.62 2.17
CA SER B 129 -7.09 42.73 1.70
C SER B 129 -5.68 42.31 1.29
N LEU B 130 -5.36 41.04 1.49
N LEU B 130 -5.37 41.03 1.50
CA LEU B 130 -4.05 40.50 1.16
CA LEU B 130 -4.06 40.48 1.16
C LEU B 130 -3.78 40.72 -0.32
C LEU B 130 -3.79 40.73 -0.32
N ASP B 131 -2.53 40.95 -0.66
CA ASP B 131 -2.18 41.30 -2.03
C ASP B 131 -2.49 40.19 -3.03
N VAL B 132 -2.44 38.92 -2.61
CA VAL B 132 -2.70 37.83 -3.55
C VAL B 132 -4.17 37.62 -3.83
N TYR B 133 -5.05 38.33 -3.13
CA TYR B 133 -6.49 38.25 -3.39
C TYR B 133 -6.98 39.49 -4.15
N ASP B 134 -6.05 40.21 -4.77
CA ASP B 134 -6.38 41.43 -5.51
C ASP B 134 -7.25 41.10 -6.71
N GLY B 135 -8.51 41.55 -6.66
CA GLY B 135 -9.47 41.26 -7.70
C GLY B 135 -9.43 42.14 -8.94
N ARG B 136 -8.40 42.96 -9.09
CA ARG B 136 -8.41 43.89 -10.21
C ARG B 136 -8.15 43.17 -11.54
N PHE B 137 -7.41 42.07 -11.52
CA PHE B 137 -6.96 41.46 -12.77
C PHE B 137 -8.09 40.66 -13.41
N LEU B 138 -8.82 39.92 -12.58
CA LEU B 138 -9.97 39.17 -13.07
C LEU B 138 -11.05 40.13 -13.60
N ALA B 139 -11.23 41.24 -12.90
CA ALA B 139 -12.22 42.22 -13.29
C ALA B 139 -11.87 42.85 -14.63
N GLN B 140 -10.64 43.33 -14.77
CA GLN B 140 -10.22 44.01 -15.99
C GLN B 140 -10.11 43.09 -17.21
N VAL B 141 -9.56 41.90 -17.02
CA VAL B 141 -9.24 41.00 -18.13
C VAL B 141 -10.41 40.09 -18.56
N GLU B 142 -11.07 39.45 -17.60
CA GLU B 142 -12.19 38.56 -17.91
C GLU B 142 -13.54 39.25 -17.78
N GLY B 143 -13.51 40.55 -17.53
CA GLY B 143 -14.72 41.34 -17.38
C GLY B 143 -15.61 40.81 -16.27
N ALA B 144 -14.99 40.27 -15.23
CA ALA B 144 -15.73 39.65 -14.13
C ALA B 144 -16.04 40.63 -13.01
N VAL B 145 -17.18 40.42 -12.34
CA VAL B 145 -17.44 41.10 -11.08
C VAL B 145 -16.99 40.18 -9.96
N LEU B 146 -16.05 40.68 -9.17
N LEU B 146 -16.03 40.68 -9.17
CA LEU B 146 -15.41 39.87 -8.14
CA LEU B 146 -15.36 39.91 -8.14
C LEU B 146 -15.65 40.44 -6.74
C LEU B 146 -15.68 40.46 -6.74
N VAL B 147 -16.09 39.58 -5.83
CA VAL B 147 -16.45 40.00 -4.49
C VAL B 147 -15.73 39.22 -3.39
N SER B 148 -14.95 39.89 -2.53
CA SER B 148 -14.43 39.23 -1.32
C SER B 148 -14.88 39.90 -0.02
N MET B 149 -15.03 39.08 1.02
CA MET B 149 -15.51 39.47 2.34
C MET B 149 -14.48 39.24 3.43
N ASN B 150 -14.72 39.84 4.59
CA ASN B 150 -14.07 39.37 5.80
C ASN B 150 -15.05 38.55 6.60
N TYR B 151 -14.56 37.64 7.41
CA TYR B 151 -15.40 36.95 8.38
C TYR B 151 -14.60 36.69 9.65
N ARG B 152 -15.30 36.70 10.78
CA ARG B 152 -14.65 36.56 12.07
C ARG B 152 -13.93 35.21 12.14
N VAL B 153 -12.71 35.22 12.64
CA VAL B 153 -11.93 34.00 12.72
C VAL B 153 -11.53 33.75 14.16
N GLY B 154 -10.86 32.63 14.39
CA GLY B 154 -10.41 32.29 15.73
C GLY B 154 -11.59 32.20 16.67
N THR B 155 -11.35 32.53 17.93
CA THR B 155 -12.40 32.51 18.94
C THR B 155 -13.60 33.35 18.52
N PHE B 156 -13.34 34.54 17.98
CA PHE B 156 -14.41 35.50 17.71
C PHE B 156 -15.40 35.02 16.67
N GLY B 157 -15.00 34.07 15.83
CA GLY B 157 -15.88 33.56 14.78
C GLY B 157 -16.40 32.15 15.02
N PHE B 158 -15.72 31.39 15.88
CA PHE B 158 -16.02 29.97 15.99
C PHE B 158 -15.98 29.41 17.41
N LEU B 159 -15.75 30.25 18.41
CA LEU B 159 -15.90 29.79 19.78
C LEU B 159 -17.35 29.45 20.02
N ALA B 160 -17.58 28.28 20.55
CA ALA B 160 -18.92 27.78 20.68
C ALA B 160 -19.19 27.06 21.99
N LEU B 161 -20.25 27.46 22.67
N LEU B 161 -20.24 27.48 22.67
CA LEU B 161 -20.82 26.65 23.75
CA LEU B 161 -20.86 26.70 23.74
C LEU B 161 -22.14 26.10 23.26
C LEU B 161 -22.16 26.15 23.18
N PRO B 162 -22.09 25.03 22.43
CA PRO B 162 -23.25 24.52 21.70
C PRO B 162 -24.54 24.44 22.49
N GLY B 163 -25.62 24.93 21.89
CA GLY B 163 -26.93 24.92 22.50
C GLY B 163 -27.19 26.11 23.40
N SER B 164 -26.26 27.07 23.41
CA SER B 164 -26.41 28.25 24.25
C SER B 164 -26.85 29.43 23.39
N ARG B 165 -27.53 30.39 23.99
CA ARG B 165 -27.97 31.54 23.23
C ARG B 165 -26.78 32.41 22.85
N GLU B 166 -25.79 32.51 23.74
CA GLU B 166 -24.75 33.54 23.59
C GLU B 166 -23.57 33.16 22.69
N ALA B 167 -23.21 31.88 22.66
CA ALA B 167 -22.15 31.41 21.78
C ALA B 167 -22.57 30.12 21.11
N PRO B 168 -23.38 30.22 20.04
CA PRO B 168 -24.10 29.10 19.46
C PRO B 168 -23.26 28.36 18.42
N GLY B 169 -22.13 28.99 18.09
CA GLY B 169 -21.21 28.47 17.10
C GLY B 169 -21.47 28.92 15.68
N ASN B 170 -20.39 28.92 14.89
CA ASN B 170 -20.41 29.00 13.43
C ASN B 170 -20.66 30.40 12.92
N VAL B 171 -20.49 31.39 13.79
CA VAL B 171 -20.91 32.72 13.43
C VAL B 171 -19.99 33.26 12.33
N GLY B 172 -18.76 32.76 12.27
CA GLY B 172 -17.87 33.11 11.18
C GLY B 172 -18.44 32.66 9.85
N LEU B 173 -19.06 31.48 9.84
CA LEU B 173 -19.73 31.01 8.65
C LEU B 173 -20.95 31.87 8.39
N LEU B 174 -21.71 32.18 9.43
CA LEU B 174 -22.87 33.04 9.28
C LEU B 174 -22.50 34.44 8.79
N ASP B 175 -21.33 34.93 9.17
CA ASP B 175 -20.81 36.17 8.59
C ASP B 175 -20.72 36.05 7.08
N GLN B 176 -20.10 34.97 6.62
CA GLN B 176 -19.99 34.72 5.18
C GLN B 176 -21.36 34.70 4.50
N ARG B 177 -22.30 33.95 5.08
CA ARG B 177 -23.65 33.84 4.54
C ARG B 177 -24.38 35.21 4.41
N LEU B 178 -24.20 36.09 5.39
CA LEU B 178 -24.81 37.41 5.31
C LEU B 178 -24.23 38.21 4.15
N ALA B 179 -22.94 38.04 3.93
CA ALA B 179 -22.30 38.65 2.76
C ALA B 179 -22.90 38.10 1.46
N LEU B 180 -23.26 36.83 1.45
N LEU B 180 -23.26 36.83 1.45
CA LEU B 180 -23.86 36.22 0.27
CA LEU B 180 -23.87 36.21 0.27
C LEU B 180 -25.27 36.77 0.07
C LEU B 180 -25.29 36.73 0.07
N GLN B 181 -26.03 36.89 1.17
CA GLN B 181 -27.36 37.49 1.11
CA GLN B 181 -27.36 37.50 1.13
C GLN B 181 -27.25 38.93 0.62
N TRP B 182 -26.14 39.57 0.95
CA TRP B 182 -25.89 40.94 0.52
C TRP B 182 -25.70 41.02 -0.98
N VAL B 183 -24.93 40.06 -1.52
CA VAL B 183 -24.65 40.03 -2.96
C VAL B 183 -25.94 39.81 -3.75
N GLN B 184 -26.78 38.91 -3.26
CA GLN B 184 -28.13 38.76 -3.81
C GLN B 184 -28.83 40.10 -3.88
N GLU B 185 -28.90 40.74 -2.71
CA GLU B 185 -29.71 41.94 -2.56
C GLU B 185 -29.12 43.14 -3.29
N ASN B 186 -27.81 43.20 -3.42
CA ASN B 186 -27.19 44.43 -3.92
C ASN B 186 -26.31 44.35 -5.18
N ILE B 187 -25.75 43.18 -5.52
CA ILE B 187 -24.73 43.13 -6.58
C ILE B 187 -25.25 43.60 -7.95
N ALA B 188 -26.57 43.56 -8.17
CA ALA B 188 -27.12 43.99 -9.46
C ALA B 188 -26.86 45.46 -9.74
N ALA B 189 -26.57 46.23 -8.69
CA ALA B 189 -26.36 47.66 -8.83
C ALA B 189 -24.97 47.95 -9.37
N PHE B 190 -24.09 46.95 -9.27
CA PHE B 190 -22.74 47.05 -9.80
C PHE B 190 -22.62 46.41 -11.17
N GLY B 191 -23.73 45.87 -11.68
CA GLY B 191 -23.76 45.23 -12.98
C GLY B 191 -23.51 43.73 -12.86
N GLY B 192 -23.42 43.26 -11.63
CA GLY B 192 -23.29 41.84 -11.39
C GLY B 192 -24.61 41.11 -11.60
N ASP B 193 -24.53 39.83 -11.90
CA ASP B 193 -25.72 39.01 -12.11
C ASP B 193 -25.97 38.13 -10.88
N PRO B 194 -26.99 38.48 -10.09
CA PRO B 194 -27.20 37.67 -8.88
C PRO B 194 -27.60 36.22 -9.21
N MET B 195 -28.10 35.98 -10.43
CA MET B 195 -28.49 34.64 -10.84
C MET B 195 -27.30 33.79 -11.32
N SER B 196 -26.12 34.39 -11.39
CA SER B 196 -24.89 33.66 -11.68
C SER B 196 -23.81 33.99 -10.66
N VAL B 197 -23.89 33.37 -9.50
CA VAL B 197 -22.87 33.60 -8.49
C VAL B 197 -22.02 32.36 -8.27
N THR B 198 -20.72 32.50 -8.47
CA THR B 198 -19.77 31.42 -8.18
C THR B 198 -18.94 31.66 -6.92
N LEU B 199 -19.07 30.77 -5.94
N LEU B 199 -19.04 30.76 -5.95
CA LEU B 199 -18.17 30.76 -4.79
CA LEU B 199 -18.18 30.79 -4.77
C LEU B 199 -16.83 30.14 -5.15
C LEU B 199 -16.85 30.07 -5.02
N PHE B 200 -15.76 30.64 -4.52
CA PHE B 200 -14.47 29.96 -4.61
C PHE B 200 -13.57 30.41 -3.48
N GLY B 201 -12.78 29.47 -2.97
CA GLY B 201 -11.96 29.72 -1.80
C GLY B 201 -10.86 28.69 -1.65
N GLU B 202 -9.88 29.02 -0.83
CA GLU B 202 -8.71 28.18 -0.64
C GLU B 202 -8.57 27.70 0.81
N ALA B 204 -9.12 26.75 4.31
CA ALA B 204 -10.24 27.01 5.21
C ALA B 204 -11.40 27.68 4.48
N GLY B 205 -11.07 28.42 3.43
CA GLY B 205 -12.08 28.98 2.53
C GLY B 205 -12.78 27.94 1.69
N ALA B 206 -12.01 27.05 1.07
CA ALA B 206 -12.56 25.91 0.35
C ALA B 206 -13.50 25.10 1.25
N ALA B 207 -13.09 24.87 2.49
CA ALA B 207 -13.95 24.19 3.44
C ALA B 207 -15.22 25.01 3.72
N SER B 208 -15.08 26.32 3.86
CA SER B 208 -16.24 27.20 4.07
C SER B 208 -17.24 27.00 2.94
N VAL B 209 -16.76 27.20 1.72
CA VAL B 209 -17.54 26.87 0.54
C VAL B 209 -18.20 25.50 0.65
N GLY B 210 -17.42 24.51 1.05
CA GLY B 210 -17.92 23.17 1.24
C GLY B 210 -19.11 23.15 2.18
N MET B 211 -18.98 23.88 3.28
CA MET B 211 -20.04 23.90 4.26
C MET B 211 -21.23 24.72 3.82
N HIS B 212 -21.03 25.68 2.92
CA HIS B 212 -22.17 26.38 2.32
C HIS B 212 -22.95 25.45 1.39
N ILE B 213 -22.25 24.54 0.72
CA ILE B 213 -22.91 23.53 -0.10
C ILE B 213 -23.79 22.59 0.74
N LEU B 214 -23.32 22.32 1.96
N LEU B 214 -23.31 22.31 1.95
CA LEU B 214 -23.94 21.32 2.82
CA LEU B 214 -23.94 21.32 2.82
C LEU B 214 -24.95 21.93 3.80
C LEU B 214 -24.99 21.91 3.76
N SER B 215 -25.15 23.23 3.73
CA SER B 215 -26.15 23.90 4.58
C SER B 215 -27.28 24.50 3.73
N LEU B 216 -28.49 23.97 3.87
CA LEU B 216 -29.61 24.32 2.99
C LEU B 216 -29.89 25.84 2.82
N PRO B 217 -29.82 26.63 3.91
CA PRO B 217 -30.01 28.09 3.75
C PRO B 217 -29.05 28.81 2.79
N SER B 218 -27.84 28.31 2.61
CA SER B 218 -26.85 28.93 1.71
C SER B 218 -27.10 28.58 0.26
N ARG B 219 -27.79 27.47 0.02
CA ARG B 219 -27.90 26.91 -1.31
C ARG B 219 -28.67 27.79 -2.30
N SER B 220 -29.40 28.77 -1.78
CA SER B 220 -30.14 29.69 -2.63
C SER B 220 -29.37 30.99 -2.85
N LEU B 221 -28.12 31.02 -2.39
N LEU B 221 -28.12 31.01 -2.39
CA LEU B 221 -27.30 32.22 -2.48
CA LEU B 221 -27.29 32.21 -2.46
C LEU B 221 -26.16 32.06 -3.50
C LEU B 221 -26.16 32.05 -3.49
N PHE B 222 -26.02 30.86 -4.05
CA PHE B 222 -25.01 30.64 -5.07
C PHE B 222 -25.38 29.47 -5.98
N HIS B 223 -24.66 29.34 -7.10
CA HIS B 223 -25.01 28.36 -8.10
C HIS B 223 -23.85 27.43 -8.43
N ARG B 224 -22.62 27.88 -8.21
CA ARG B 224 -21.43 27.09 -8.52
C ARG B 224 -20.38 27.24 -7.41
N ALA B 225 -19.45 26.30 -7.33
CA ALA B 225 -18.45 26.32 -6.24
C ALA B 225 -17.05 25.85 -6.66
N VAL B 226 -16.05 26.53 -6.16
CA VAL B 226 -14.67 26.09 -6.39
C VAL B 226 -14.00 25.89 -5.05
N LEU B 227 -13.45 24.70 -4.84
CA LEU B 227 -12.77 24.37 -3.60
C LEU B 227 -11.33 24.05 -3.89
N GLN B 228 -10.43 24.94 -3.51
CA GLN B 228 -9.01 24.74 -3.73
C GLN B 228 -8.30 24.34 -2.45
N SER B 229 -7.66 23.18 -2.47
CA SER B 229 -6.80 22.76 -1.38
C SER B 229 -7.51 22.74 -0.05
N GLY B 230 -8.79 22.36 -0.04
CA GLY B 230 -9.52 22.26 1.21
C GLY B 230 -10.92 21.70 1.01
N THR B 231 -11.50 21.15 2.07
CA THR B 231 -12.77 20.41 2.03
C THR B 231 -13.46 20.57 3.35
N PRO B 232 -14.80 20.44 3.38
CA PRO B 232 -15.48 20.50 4.68
C PRO B 232 -15.27 19.21 5.46
N ASN B 233 -15.26 18.08 4.76
CA ASN B 233 -14.89 16.83 5.39
C ASN B 233 -13.40 16.84 5.72
N GLY B 234 -12.93 15.80 6.40
CA GLY B 234 -11.54 15.70 6.77
C GLY B 234 -11.30 15.93 8.24
N PRO B 235 -10.05 15.79 8.67
CA PRO B 235 -9.70 15.79 10.09
C PRO B 235 -9.60 17.16 10.76
N TRP B 236 -9.76 18.25 10.03
CA TRP B 236 -9.38 19.52 10.62
C TRP B 236 -10.47 20.61 10.53
N ALA B 237 -11.43 20.47 9.61
CA ALA B 237 -12.36 21.58 9.33
C ALA B 237 -13.57 21.67 10.26
N THR B 238 -13.83 20.60 11.01
CA THR B 238 -14.95 20.61 11.96
C THR B 238 -14.56 20.01 13.30
N VAL B 239 -15.40 20.27 14.29
CA VAL B 239 -15.31 19.57 15.56
C VAL B 239 -16.70 19.20 16.05
N SER B 240 -16.78 18.14 16.85
CA SER B 240 -18.04 17.77 17.43
C SER B 240 -18.46 18.83 18.44
N ALA B 241 -19.73 18.81 18.83
CA ALA B 241 -20.21 19.69 19.89
C ALA B 241 -19.50 19.40 21.22
N GLY B 242 -19.18 18.14 21.48
CA GLY B 242 -18.45 17.77 22.69
C GLY B 242 -17.11 18.49 22.81
N GLU B 243 -16.33 18.46 21.73
CA GLU B 243 -14.98 19.00 21.75
C GLU B 243 -14.95 20.55 21.71
N ALA B 244 -15.90 21.17 20.99
CA ALA B 244 -16.00 22.63 20.97
C ALA B 244 -16.33 23.16 22.36
N ARG B 245 -17.24 22.47 23.04
CA ARG B 245 -17.60 22.80 24.40
C ARG B 245 -16.39 22.67 25.31
N ARG B 246 -15.53 21.71 25.01
CA ARG B 246 -14.34 21.46 25.82
C ARG B 246 -13.34 22.59 25.67
N ARG B 247 -13.03 22.94 24.43
CA ARG B 247 -12.03 23.97 24.17
C ARG B 247 -12.46 25.35 24.67
N ALA B 248 -13.75 25.66 24.53
CA ALA B 248 -14.27 26.94 25.00
C ALA B 248 -14.19 26.99 26.52
N THR B 249 -14.58 25.91 27.17
CA THR B 249 -14.53 25.83 28.63
C THR B 249 -13.09 26.02 29.10
N LEU B 250 -12.17 25.34 28.43
CA LEU B 250 -10.76 25.40 28.80
C LEU B 250 -10.16 26.79 28.57
N LEU B 251 -10.40 27.35 27.38
CA LEU B 251 -9.92 28.70 27.10
C LEU B 251 -10.42 29.70 28.14
N ALA B 252 -11.67 29.53 28.57
CA ALA B 252 -12.23 30.39 29.60
C ALA B 252 -11.44 30.30 30.89
N ARG B 253 -10.96 29.11 31.22
CA ARG B 253 -10.25 28.94 32.50
C ARG B 253 -8.83 29.50 32.36
N LEU B 254 -8.25 29.36 31.16
CA LEU B 254 -6.96 29.96 30.88
C LEU B 254 -7.00 31.49 30.94
N VAL B 255 -8.10 32.07 30.45
CA VAL B 255 -8.29 33.51 30.42
C VAL B 255 -8.71 34.03 31.82
N GLY B 256 -9.02 33.08 32.70
CA GLY B 256 -9.32 33.40 34.08
C GLY B 256 -10.78 33.67 34.33
N CYS B 257 -11.66 32.96 33.63
CA CYS B 257 -13.09 33.18 33.81
C CYS B 257 -13.69 32.17 34.81
N PRO B 258 -14.91 31.65 34.60
CA PRO B 258 -15.79 31.47 35.76
C PRO B 258 -15.37 32.18 37.05
N GLY B 264 -19.74 27.75 35.55
CA GLY B 264 -20.94 27.07 35.03
C GLY B 264 -21.80 28.03 34.23
N ASN B 265 -23.11 27.81 34.20
CA ASN B 265 -24.06 28.70 33.47
C ASN B 265 -23.42 29.26 32.20
N ASP B 266 -23.60 28.56 31.09
CA ASP B 266 -23.11 29.13 29.84
C ASP B 266 -23.13 30.67 29.86
N THR B 267 -24.25 31.25 30.29
CA THR B 267 -24.43 32.70 30.28
C THR B 267 -23.35 33.41 31.08
N GLU B 268 -23.12 32.94 32.30
CA GLU B 268 -22.10 33.56 33.15
C GLU B 268 -20.71 33.36 32.55
N LEU B 269 -20.55 32.27 31.82
CA LEU B 269 -19.27 31.93 31.20
C LEU B 269 -18.98 32.79 29.96
N ILE B 270 -19.98 33.01 29.13
CA ILE B 270 -19.79 33.83 27.94
C ILE B 270 -19.84 35.32 28.31
N ALA B 271 -20.50 35.64 29.43
CA ALA B 271 -20.51 37.02 29.87
C ALA B 271 -19.10 37.46 30.24
N CYS B 272 -18.41 36.69 31.08
CA CYS B 272 -17.05 37.07 31.50
C CYS B 272 -16.05 37.05 30.33
N LEU B 273 -16.23 36.11 29.40
N LEU B 273 -16.25 36.12 29.40
CA LEU B 273 -15.41 36.06 28.20
CA LEU B 273 -15.43 36.04 28.19
C LEU B 273 -15.58 37.35 27.37
C LEU B 273 -15.61 37.29 27.33
N ARG B 274 -16.76 37.94 27.42
CA ARG B 274 -17.01 39.16 26.68
C ARG B 274 -16.26 40.37 27.26
N THR B 275 -15.87 40.29 28.53
CA THR B 275 -15.14 41.38 29.16
C THR B 275 -13.65 41.11 29.17
N ARG B 276 -13.12 40.75 28.00
CA ARG B 276 -11.71 40.46 27.86
C ARG B 276 -11.17 41.10 26.60
N PRO B 277 -10.06 41.85 26.74
CA PRO B 277 -9.39 42.38 25.54
C PRO B 277 -9.16 41.26 24.52
N ALA B 278 -9.14 41.62 23.24
CA ALA B 278 -9.03 40.61 22.21
C ALA B 278 -7.75 39.76 22.34
N GLN B 279 -6.62 40.39 22.66
CA GLN B 279 -5.35 39.66 22.76
C GLN B 279 -5.38 38.60 23.86
N ASP B 280 -6.08 38.86 24.95
CA ASP B 280 -6.17 37.89 26.04
C ASP B 280 -6.79 36.59 25.57
N LEU B 281 -7.58 36.65 24.49
CA LEU B 281 -8.19 35.43 23.94
C LEU B 281 -7.26 34.79 22.92
N VAL B 282 -6.71 35.62 22.03
CA VAL B 282 -5.75 35.14 21.03
C VAL B 282 -4.47 34.57 21.68
N ASP B 283 -4.07 35.14 22.82
CA ASP B 283 -2.86 34.69 23.53
C ASP B 283 -2.92 33.21 23.91
N HIS B 284 -4.11 32.70 24.20
CA HIS B 284 -4.26 31.34 24.67
C HIS B 284 -4.90 30.45 23.62
N GLU B 285 -5.05 30.99 22.42
CA GLU B 285 -5.78 30.33 21.35
C GLU B 285 -5.20 28.96 21.03
N TRP B 286 -3.89 28.86 20.97
CA TRP B 286 -3.25 27.61 20.53
C TRP B 286 -3.07 26.61 21.66
N HIS B 287 -3.50 26.99 22.85
CA HIS B 287 -3.22 26.15 24.02
C HIS B 287 -4.34 25.18 24.36
N VAL B 288 -5.40 25.15 23.55
CA VAL B 288 -6.53 24.26 23.86
C VAL B 288 -6.60 23.01 22.97
N LEU B 289 -5.64 22.86 22.06
CA LEU B 289 -5.62 21.66 21.22
C LEU B 289 -5.32 20.46 22.12
N PRO B 290 -5.93 19.30 21.81
CA PRO B 290 -5.87 18.09 22.65
C PRO B 290 -4.55 17.34 22.58
N GLN B 291 -3.95 17.25 21.40
CA GLN B 291 -2.65 16.60 21.28
C GLN B 291 -1.71 17.60 20.62
N GLU B 292 -0.42 17.36 20.72
CA GLU B 292 0.54 18.13 19.94
C GLU B 292 0.26 17.87 18.45
N SER B 293 0.13 18.93 17.65
CA SER B 293 -0.37 18.79 16.28
C SER B 293 0.42 19.62 15.29
N ILE B 294 0.26 19.30 14.02
CA ILE B 294 0.33 20.32 12.99
C ILE B 294 -0.88 20.11 12.12
N PHE B 295 -1.27 21.18 11.46
CA PHE B 295 -2.46 21.24 10.63
C PHE B 295 -3.68 20.86 11.49
N ARG B 296 -3.72 21.42 12.69
N ARG B 296 -3.71 21.42 12.69
CA ARG B 296 -4.91 21.38 13.55
CA ARG B 296 -4.89 21.39 13.55
C ARG B 296 -5.15 22.73 14.17
C ARG B 296 -5.15 22.76 14.14
N PHE B 297 -6.41 23.16 14.17
CA PHE B 297 -6.75 24.51 14.62
C PHE B 297 -7.74 24.52 15.76
N SER B 298 -7.51 25.41 16.72
CA SER B 298 -8.29 25.42 17.96
C SER B 298 -9.76 25.79 17.78
N PHE B 299 -10.05 26.79 16.96
CA PHE B 299 -11.45 27.16 16.83
C PHE B 299 -11.92 27.19 15.38
N VAL B 300 -12.73 26.19 15.05
CA VAL B 300 -13.18 25.90 13.69
C VAL B 300 -14.66 25.61 13.72
N PRO B 301 -15.31 25.48 12.54
CA PRO B 301 -16.74 25.17 12.54
C PRO B 301 -17.11 23.96 13.38
N VAL B 302 -18.33 23.96 13.92
CA VAL B 302 -18.77 22.91 14.84
C VAL B 302 -20.02 22.22 14.33
N VAL B 303 -20.08 20.90 14.48
CA VAL B 303 -21.25 20.15 14.08
C VAL B 303 -22.35 20.37 15.11
N ASP B 304 -23.13 21.43 14.88
CA ASP B 304 -24.05 21.96 15.88
C ASP B 304 -25.48 21.50 15.69
N GLY B 305 -25.71 20.77 14.61
CA GLY B 305 -27.04 20.27 14.32
C GLY B 305 -27.91 21.34 13.70
N ASP B 306 -27.30 22.46 13.32
CA ASP B 306 -28.03 23.60 12.74
C ASP B 306 -27.44 24.04 11.40
N PHE B 307 -26.34 24.78 11.44
CA PHE B 307 -25.64 25.12 10.21
C PHE B 307 -25.26 23.82 9.53
N LEU B 308 -24.68 22.92 10.31
CA LEU B 308 -24.39 21.56 9.88
C LEU B 308 -25.32 20.57 10.61
N SER B 309 -26.33 20.08 9.89
CA SER B 309 -27.30 19.15 10.46
C SER B 309 -26.68 17.88 11.00
N ASP B 310 -25.56 17.49 10.39
CA ASP B 310 -24.81 16.30 10.77
C ASP B 310 -23.37 16.52 10.33
N THR B 311 -22.49 15.54 10.52
CA THR B 311 -21.10 15.73 10.13
C THR B 311 -20.97 15.85 8.63
N PRO B 312 -19.95 16.58 8.17
CA PRO B 312 -19.68 16.73 6.73
C PRO B 312 -19.55 15.39 6.05
N GLU B 313 -18.93 14.41 6.69
CA GLU B 313 -18.81 13.11 6.06
C GLU B 313 -20.23 12.59 5.84
N ALA B 314 -21.04 12.62 6.89
CA ALA B 314 -22.39 12.07 6.82
C ALA B 314 -23.22 12.80 5.77
N LEU B 315 -23.05 14.12 5.71
CA LEU B 315 -23.83 14.95 4.79
C LEU B 315 -23.46 14.73 3.32
N ILE B 316 -22.17 14.60 3.02
CA ILE B 316 -21.78 14.36 1.63
C ILE B 316 -22.14 12.94 1.25
N ASN B 317 -22.28 12.06 2.23
CA ASN B 317 -22.58 10.64 1.96
C ASN B 317 -24.04 10.42 1.56
N THR B 318 -24.89 11.41 1.80
CA THR B 318 -26.34 11.23 1.61
C THR B 318 -27.06 12.32 0.81
N GLY B 319 -26.39 13.46 0.59
CA GLY B 319 -27.02 14.58 -0.09
C GLY B 319 -27.37 14.36 -1.56
N ASP B 320 -28.27 15.19 -2.08
CA ASP B 320 -28.54 15.19 -3.53
C ASP B 320 -27.96 16.46 -4.16
N PHE B 321 -27.01 16.25 -5.06
CA PHE B 321 -26.28 17.35 -5.68
C PHE B 321 -26.50 17.41 -7.17
N GLN B 322 -27.69 17.03 -7.62
CA GLN B 322 -27.91 16.80 -9.04
C GLN B 322 -27.71 18.03 -9.94
N ASP B 323 -27.91 19.24 -9.41
CA ASP B 323 -27.74 20.41 -10.27
C ASP B 323 -26.64 21.31 -9.75
N LEU B 324 -25.72 20.68 -9.03
CA LEU B 324 -24.53 21.33 -8.53
C LEU B 324 -23.39 21.22 -9.53
N GLN B 325 -22.56 22.25 -9.65
CA GLN B 325 -21.33 22.12 -10.42
C GLN B 325 -20.16 22.60 -9.59
N VAL B 326 -19.12 21.77 -9.52
CA VAL B 326 -18.02 21.99 -8.60
C VAL B 326 -16.66 21.80 -9.25
N LEU B 327 -15.72 22.68 -8.93
N LEU B 327 -15.73 22.68 -8.91
CA LEU B 327 -14.34 22.58 -9.40
CA LEU B 327 -14.36 22.59 -9.38
C LEU B 327 -13.40 22.38 -8.22
C LEU B 327 -13.44 22.38 -8.18
N VAL B 328 -12.83 21.20 -8.08
CA VAL B 328 -11.96 20.90 -6.94
C VAL B 328 -10.54 20.56 -7.34
N GLY B 329 -9.59 20.83 -6.45
CA GLY B 329 -8.21 20.55 -6.77
C GLY B 329 -7.22 20.77 -5.65
N VAL B 330 -6.00 20.30 -5.89
CA VAL B 330 -4.94 20.36 -4.89
C VAL B 330 -3.67 20.87 -5.55
N VAL B 331 -2.68 21.27 -4.77
CA VAL B 331 -1.34 21.48 -5.32
C VAL B 331 -0.46 20.24 -5.14
N LYS B 332 0.72 20.24 -5.76
CA LYS B 332 1.57 19.05 -5.77
C LYS B 332 2.10 18.71 -4.38
N ASP B 333 2.50 19.71 -3.60
CA ASP B 333 3.09 19.45 -2.29
C ASP B 333 2.35 20.08 -1.11
N GLU B 334 1.15 19.58 -0.81
CA GLU B 334 0.29 20.20 0.19
C GLU B 334 0.91 20.25 1.59
N GLY B 335 1.48 19.15 2.03
CA GLY B 335 1.95 19.04 3.40
C GLY B 335 3.19 19.83 3.77
N SER B 336 4.00 20.19 2.78
CA SER B 336 5.33 20.73 3.08
C SER B 336 5.27 22.02 3.90
N TYR B 337 4.39 22.95 3.54
CA TYR B 337 4.28 24.24 4.24
C TYR B 337 4.13 24.04 5.74
N PHE B 338 3.37 23.02 6.13
CA PHE B 338 3.02 22.83 7.53
C PHE B 338 4.06 22.15 8.41
N LEU B 339 5.09 21.58 7.80
CA LEU B 339 6.07 20.80 8.57
C LEU B 339 6.93 21.70 9.47
N VAL B 340 7.27 22.87 8.97
CA VAL B 340 8.11 23.82 9.70
C VAL B 340 7.39 24.43 10.91
N TYR B 341 6.11 24.12 11.06
CA TYR B 341 5.32 24.66 12.16
C TYR B 341 5.19 23.66 13.31
N GLY B 342 6.15 22.76 13.44
CA GLY B 342 6.14 21.87 14.59
C GLY B 342 6.71 20.48 14.46
N VAL B 343 7.16 20.08 13.28
CA VAL B 343 7.81 18.78 13.15
C VAL B 343 9.31 18.93 13.25
N PRO B 344 9.92 18.37 14.30
CA PRO B 344 11.37 18.45 14.50
C PRO B 344 12.13 17.93 13.30
N GLY B 345 13.13 18.69 12.86
CA GLY B 345 13.89 18.34 11.68
C GLY B 345 13.62 19.23 10.48
N PHE B 346 12.47 19.88 10.45
CA PHE B 346 12.10 20.68 9.28
C PHE B 346 12.26 22.19 9.48
N SER B 347 12.59 22.87 8.38
CA SER B 347 13.00 24.26 8.43
C SER B 347 13.08 24.85 7.04
N LYS B 348 12.77 26.14 6.95
CA LYS B 348 12.85 26.91 5.72
C LYS B 348 14.31 27.07 5.30
N ASP B 349 15.23 26.87 6.23
CA ASP B 349 16.64 27.18 6.01
C ASP B 349 17.55 25.96 5.74
N ASN B 350 17.17 24.76 6.19
CA ASN B 350 17.90 23.54 5.83
C ASN B 350 17.39 22.99 4.51
N GLU B 351 17.66 21.72 4.28
CA GLU B 351 17.00 20.98 3.23
C GLU B 351 16.26 19.86 3.93
N SER B 352 16.16 20.03 5.25
CA SER B 352 15.32 19.21 6.11
C SER B 352 15.42 17.71 5.84
N LEU B 353 16.65 17.22 5.77
CA LEU B 353 16.87 15.78 5.67
C LEU B 353 16.68 15.22 7.06
N ILE B 354 15.90 14.15 7.17
CA ILE B 354 15.58 13.59 8.48
C ILE B 354 15.90 12.11 8.62
N SER B 355 16.20 11.71 9.86
CA SER B 355 16.44 10.33 10.18
C SER B 355 15.13 9.59 10.20
N ARG B 356 15.19 8.27 10.23
CA ARG B 356 13.99 7.47 10.34
C ARG B 356 13.28 7.77 11.65
N ALA B 357 14.05 7.97 12.71
CA ALA B 357 13.51 8.28 14.04
C ALA B 357 12.60 9.50 13.99
N GLN B 358 13.17 10.58 13.48
CA GLN B 358 12.45 11.82 13.30
C GLN B 358 11.21 11.63 12.45
N PHE B 359 11.27 10.71 11.49
CA PHE B 359 10.10 10.45 10.65
C PHE B 359 8.98 9.75 11.42
N LEU B 360 9.32 8.77 12.26
N LEU B 360 9.34 8.79 12.28
CA LEU B 360 8.31 8.10 13.10
CA LEU B 360 8.35 8.10 13.11
C LEU B 360 7.74 9.12 14.09
C LEU B 360 7.74 9.10 14.09
N ALA B 361 8.61 9.98 14.60
CA ALA B 361 8.18 11.04 15.52
C ALA B 361 7.21 12.03 14.86
N GLY B 362 7.44 12.34 13.59
CA GLY B 362 6.66 13.34 12.89
C GLY B 362 5.26 12.86 12.53
N VAL B 363 5.15 11.56 12.29
CA VAL B 363 3.88 10.93 11.98
C VAL B 363 2.89 11.06 13.17
N ARG B 364 3.39 11.02 14.41
CA ARG B 364 2.50 11.15 15.57
C ARG B 364 1.97 12.56 15.63
N ILE B 365 2.70 13.48 15.02
CA ILE B 365 2.32 14.87 15.03
C ILE B 365 1.49 15.17 13.78
N GLY B 366 1.81 14.51 12.69
CA GLY B 366 1.06 14.68 11.45
C GLY B 366 -0.34 14.15 11.63
N VAL B 367 -0.42 13.07 12.40
CA VAL B 367 -1.65 12.35 12.63
C VAL B 367 -1.89 12.20 14.12
N PRO B 368 -2.14 13.32 14.80
CA PRO B 368 -2.16 13.38 16.27
C PRO B 368 -3.13 12.39 16.88
N GLN B 369 -4.14 12.03 16.10
CA GLN B 369 -5.26 11.26 16.62
C GLN B 369 -5.02 9.77 16.51
N ALA B 370 -3.91 9.39 15.89
CA ALA B 370 -3.67 7.98 15.61
C ALA B 370 -3.19 7.19 16.83
N SER B 371 -3.66 5.95 16.93
CA SER B 371 -3.17 5.01 17.91
C SER B 371 -1.77 4.54 17.53
N ASP B 372 -1.13 3.78 18.42
CA ASP B 372 0.18 3.21 18.11
C ASP B 372 0.13 2.47 16.78
N LEU B 373 -0.86 1.58 16.65
CA LEU B 373 -0.93 0.68 15.50
C LEU B 373 -1.24 1.41 14.20
N ALA B 374 -2.06 2.45 14.30
CA ALA B 374 -2.43 3.22 13.12
C ALA B 374 -1.25 4.02 12.56
N ALA B 375 -0.41 4.54 13.45
CA ALA B 375 0.78 5.27 13.04
C ALA B 375 1.81 4.30 12.50
N GLU B 376 1.80 3.08 13.01
CA GLU B 376 2.64 2.01 12.48
C GLU B 376 2.25 1.77 11.02
N ALA B 377 0.94 1.78 10.76
CA ALA B 377 0.45 1.59 9.41
C ALA B 377 0.84 2.74 8.48
N VAL B 378 0.81 3.98 8.98
CA VAL B 378 1.22 5.11 8.16
C VAL B 378 2.69 4.98 7.80
N VAL B 379 3.55 4.82 8.80
CA VAL B 379 4.98 4.67 8.56
C VAL B 379 5.31 3.55 7.57
N LEU B 380 4.64 2.41 7.72
N LEU B 380 4.63 2.41 7.71
CA LEU B 380 4.94 1.27 6.87
CA LEU B 380 4.93 1.26 6.87
C LEU B 380 4.48 1.49 5.43
C LEU B 380 4.44 1.45 5.44
N HIS B 381 3.45 2.32 5.26
CA HIS B 381 2.91 2.59 3.93
C HIS B 381 3.75 3.59 3.13
N TYR B 382 4.32 4.56 3.83
CA TYR B 382 5.05 5.66 3.21
C TYR B 382 6.57 5.46 3.13
N THR B 383 7.09 4.53 3.92
CA THR B 383 8.49 4.13 3.77
C THR B 383 8.73 3.56 2.37
N ASP B 384 9.86 3.94 1.77
CA ASP B 384 10.33 3.35 0.51
C ASP B 384 11.27 2.20 0.83
N TRP B 385 10.81 0.96 0.69
CA TRP B 385 11.59 -0.16 1.24
C TRP B 385 12.80 -0.55 0.39
N LEU B 386 12.93 0.05 -0.79
CA LEU B 386 14.17 -0.04 -1.54
C LEU B 386 15.21 0.87 -0.92
N HIS B 387 14.72 1.98 -0.35
CA HIS B 387 15.55 3.03 0.27
C HIS B 387 14.96 3.49 1.62
N PRO B 388 14.87 2.56 2.61
CA PRO B 388 14.09 2.77 3.84
C PRO B 388 14.61 3.86 4.77
N GLU B 389 15.84 4.31 4.53
CA GLU B 389 16.49 5.22 5.48
C GLU B 389 17.06 6.46 4.79
N ASP B 390 16.89 6.54 3.48
CA ASP B 390 17.37 7.68 2.72
C ASP B 390 16.66 8.94 3.20
N PRO B 391 17.42 9.86 3.80
CA PRO B 391 16.84 11.08 4.40
C PRO B 391 15.97 11.87 3.42
N THR B 392 16.31 11.93 2.14
CA THR B 392 15.46 12.67 1.18
C THR B 392 14.06 12.06 1.00
N HIS B 393 13.99 10.75 0.81
CA HIS B 393 12.70 10.06 0.68
C HIS B 393 11.89 10.18 1.96
N LEU B 394 12.56 10.15 3.10
CA LEU B 394 11.85 10.26 4.36
C LEU B 394 11.22 11.66 4.49
N ARG B 395 12.01 12.70 4.26
CA ARG B 395 11.51 14.06 4.23
C ARG B 395 10.33 14.21 3.26
N ASP B 396 10.47 13.70 2.04
CA ASP B 396 9.41 13.86 1.05
C ASP B 396 8.18 13.06 1.45
N ALA B 397 8.41 11.94 2.14
CA ALA B 397 7.30 11.12 2.62
C ALA B 397 6.58 11.78 3.79
N MET B 398 7.32 12.46 4.67
CA MET B 398 6.69 13.21 5.74
C MET B 398 5.69 14.24 5.19
N SER B 399 6.16 15.05 4.25
CA SER B 399 5.34 16.03 3.55
C SER B 399 4.11 15.40 2.91
N ALA B 400 4.30 14.25 2.29
CA ALA B 400 3.22 13.56 1.62
C ALA B 400 2.19 13.05 2.61
N VAL B 401 2.63 12.57 3.78
CA VAL B 401 1.68 12.11 4.79
C VAL B 401 0.75 13.24 5.21
N VAL B 402 1.33 14.38 5.60
CA VAL B 402 0.55 15.54 5.99
C VAL B 402 -0.37 16.02 4.86
N GLY B 403 0.17 16.11 3.64
CA GLY B 403 -0.61 16.53 2.49
C GLY B 403 -1.79 15.61 2.23
N ASP B 404 -1.50 14.32 2.11
CA ASP B 404 -2.51 13.33 1.76
C ASP B 404 -3.60 13.22 2.84
N HIS B 405 -3.17 13.09 4.09
CA HIS B 405 -4.10 12.99 5.21
C HIS B 405 -5.04 14.19 5.34
N ASN B 406 -4.52 15.40 5.10
CA ASN B 406 -5.28 16.60 5.45
C ASN B 406 -5.96 17.26 4.27
N VAL B 407 -5.41 17.12 3.07
CA VAL B 407 -6.01 17.78 1.92
C VAL B 407 -6.35 16.79 0.80
N VAL B 408 -5.33 16.20 0.16
CA VAL B 408 -5.56 15.39 -1.04
C VAL B 408 -6.60 14.28 -0.87
N CYS B 409 -6.60 13.60 0.25
CA CYS B 409 -7.50 12.46 0.33
C CYS B 409 -8.91 12.84 0.74
N PRO B 410 -9.05 13.83 1.65
CA PRO B 410 -10.34 14.50 1.76
C PRO B 410 -10.88 15.01 0.40
N VAL B 411 -10.06 15.67 -0.40
CA VAL B 411 -10.53 16.10 -1.72
C VAL B 411 -10.99 14.92 -2.59
N ALA B 412 -10.20 13.86 -2.65
CA ALA B 412 -10.60 12.70 -3.47
C ALA B 412 -11.91 12.09 -2.99
N GLN B 413 -12.09 12.01 -1.68
CA GLN B 413 -13.35 11.51 -1.14
C GLN B 413 -14.54 12.41 -1.50
N LEU B 414 -14.37 13.73 -1.35
N LEU B 414 -14.35 13.71 -1.36
CA LEU B 414 -15.45 14.64 -1.66
CA LEU B 414 -15.40 14.68 -1.64
C LEU B 414 -15.77 14.57 -3.15
C LEU B 414 -15.75 14.66 -3.13
N ALA B 415 -14.73 14.57 -3.97
CA ALA B 415 -14.90 14.58 -5.41
C ALA B 415 -15.64 13.31 -5.83
N GLY B 416 -15.36 12.22 -5.13
CA GLY B 416 -16.01 10.95 -5.38
C GLY B 416 -17.48 10.96 -4.97
N ARG B 417 -17.76 11.37 -3.74
CA ARG B 417 -19.16 11.37 -3.28
C ARG B 417 -20.00 12.38 -4.07
N LEU B 418 -19.45 13.53 -4.41
CA LEU B 418 -20.24 14.51 -5.14
C LEU B 418 -20.62 13.96 -6.51
N ALA B 419 -19.62 13.52 -7.28
CA ALA B 419 -19.87 12.99 -8.62
C ALA B 419 -20.87 11.86 -8.60
N ALA B 420 -20.73 10.98 -7.62
CA ALA B 420 -21.56 9.79 -7.48
C ALA B 420 -23.03 10.10 -7.17
N GLN B 421 -23.31 11.26 -6.59
CA GLN B 421 -24.69 11.56 -6.19
C GLN B 421 -25.28 12.75 -6.91
N GLY B 422 -24.79 13.00 -8.12
CA GLY B 422 -25.48 13.86 -9.06
C GLY B 422 -24.70 15.06 -9.56
N ALA B 423 -23.64 15.41 -8.84
CA ALA B 423 -22.91 16.63 -9.13
C ALA B 423 -21.98 16.50 -10.33
N ARG B 424 -21.70 17.64 -10.92
CA ARG B 424 -20.75 17.75 -12.01
C ARG B 424 -19.43 18.27 -11.46
N VAL B 425 -18.41 17.42 -11.46
CA VAL B 425 -17.15 17.71 -10.79
C VAL B 425 -15.99 17.85 -11.79
N TYR B 426 -15.16 18.87 -11.62
CA TYR B 426 -13.95 19.00 -12.42
C TYR B 426 -12.81 19.02 -11.41
N ALA B 427 -11.76 18.24 -11.69
CA ALA B 427 -10.67 18.09 -10.72
C ALA B 427 -9.34 18.42 -11.33
N TYR B 428 -8.47 19.01 -10.52
CA TYR B 428 -7.14 19.36 -11.02
C TYR B 428 -6.05 19.07 -10.01
N ILE B 429 -4.82 19.04 -10.48
CA ILE B 429 -3.67 19.14 -9.62
C ILE B 429 -2.75 20.23 -10.17
N PHE B 430 -2.30 21.11 -9.28
CA PHE B 430 -1.49 22.27 -9.65
C PHE B 430 0.00 21.97 -9.42
N GLU B 431 0.77 21.88 -10.49
CA GLU B 431 2.15 21.38 -10.44
C GLU B 431 3.20 22.39 -10.89
N HIS B 432 2.91 23.67 -10.76
CA HIS B 432 3.91 24.68 -11.10
C HIS B 432 4.37 25.48 -9.89
N ARG B 433 5.69 25.55 -9.71
CA ARG B 433 6.27 26.29 -8.61
C ARG B 433 6.64 27.70 -9.11
N ALA B 434 6.19 28.71 -8.39
CA ALA B 434 6.44 30.10 -8.81
C ALA B 434 7.92 30.43 -8.84
N SER B 435 8.37 31.05 -9.93
CA SER B 435 9.75 31.50 -10.05
C SER B 435 10.11 32.55 -9.00
N THR B 436 9.10 33.21 -8.47
CA THR B 436 9.26 34.26 -7.46
C THR B 436 9.22 33.71 -6.03
N LEU B 437 9.03 32.41 -5.90
CA LEU B 437 8.81 31.79 -4.59
C LEU B 437 10.01 31.90 -3.65
N THR B 438 9.74 32.20 -2.38
CA THR B 438 10.78 32.50 -1.39
C THR B 438 11.08 31.34 -0.45
N TRP B 439 10.20 30.34 -0.44
CA TRP B 439 10.47 29.10 0.29
C TRP B 439 11.51 28.26 -0.45
N PRO B 440 12.16 27.33 0.26
CA PRO B 440 13.22 26.54 -0.40
C PRO B 440 12.70 25.52 -1.41
N LEU B 441 13.61 24.96 -2.21
N LEU B 441 13.62 24.96 -2.19
CA LEU B 441 13.26 24.03 -3.27
CA LEU B 441 13.30 24.02 -3.25
C LEU B 441 12.57 22.77 -2.76
C LEU B 441 12.57 22.78 -2.76
N TRP B 442 12.97 22.30 -1.59
CA TRP B 442 12.47 21.02 -1.08
C TRP B 442 10.96 21.00 -0.82
N MET B 443 10.37 22.16 -0.59
CA MET B 443 8.93 22.21 -0.34
C MET B 443 8.14 22.07 -1.62
N GLY B 444 8.83 22.14 -2.76
CA GLY B 444 8.19 22.01 -4.06
C GLY B 444 7.17 23.10 -4.39
N VAL B 445 5.94 22.67 -4.69
CA VAL B 445 4.80 23.56 -4.91
C VAL B 445 3.90 23.61 -3.67
N PRO B 446 4.17 24.52 -2.73
CA PRO B 446 3.54 24.41 -1.40
C PRO B 446 2.08 24.84 -1.37
N HIS B 447 1.40 24.39 -0.33
CA HIS B 447 0.03 24.82 -0.09
C HIS B 447 -0.11 26.35 -0.14
N GLY B 448 -0.90 26.84 -1.09
CA GLY B 448 -1.21 28.27 -1.16
C GLY B 448 -0.73 28.99 -2.41
N TYR B 449 0.18 28.38 -3.17
CA TYR B 449 0.87 29.14 -4.21
C TYR B 449 0.33 28.89 -5.62
N GLU B 450 -0.92 28.47 -5.70
CA GLU B 450 -1.71 28.59 -6.92
C GLU B 450 -2.50 29.93 -6.95
N ILE B 451 -2.89 30.41 -5.77
CA ILE B 451 -3.70 31.63 -5.68
C ILE B 451 -3.10 32.81 -6.43
N GLU B 452 -1.81 33.08 -6.24
CA GLU B 452 -1.09 34.10 -7.01
C GLU B 452 -1.51 34.08 -8.48
N PHE B 453 -1.65 32.86 -9.03
CA PHE B 453 -1.88 32.67 -10.47
C PHE B 453 -3.34 32.74 -10.88
N ILE B 454 -4.22 32.15 -10.08
CA ILE B 454 -5.66 32.24 -10.33
C ILE B 454 -6.13 33.70 -10.34
N PHE B 455 -5.57 34.52 -9.46
CA PHE B 455 -5.97 35.92 -9.37
C PHE B 455 -5.26 36.82 -10.37
N GLY B 456 -4.31 36.27 -11.11
CA GLY B 456 -3.71 36.98 -12.22
C GLY B 456 -2.52 37.87 -11.93
N LEU B 457 -1.90 37.70 -10.76
CA LEU B 457 -0.82 38.58 -10.35
C LEU B 457 0.39 38.68 -11.31
N PRO B 458 0.76 37.58 -12.00
CA PRO B 458 1.83 37.67 -13.01
C PRO B 458 1.67 38.73 -14.10
N LEU B 459 0.46 39.24 -14.29
CA LEU B 459 0.20 40.22 -15.33
C LEU B 459 0.74 41.60 -14.97
N ASP B 460 1.13 41.77 -13.72
CA ASP B 460 1.79 42.99 -13.28
C ASP B 460 3.29 42.89 -13.50
N PRO B 461 3.83 43.67 -14.45
CA PRO B 461 5.23 43.63 -14.88
C PRO B 461 6.22 43.72 -13.72
N SER B 462 5.91 44.59 -12.77
CA SER B 462 6.79 44.93 -11.67
C SER B 462 6.97 43.80 -10.67
N LEU B 463 6.11 42.80 -10.75
CA LEU B 463 6.23 41.64 -9.89
C LEU B 463 7.34 40.71 -10.35
N ASN B 464 7.86 40.98 -11.55
CA ASN B 464 8.99 40.24 -12.12
C ASN B 464 8.71 38.73 -12.31
N TYR B 465 7.48 38.38 -12.65
CA TYR B 465 7.13 37.03 -13.11
C TYR B 465 7.65 36.81 -14.54
N THR B 466 7.89 35.57 -14.92
CA THR B 466 8.40 35.28 -16.28
C THR B 466 7.30 35.38 -17.32
N THR B 467 7.69 35.53 -18.59
CA THR B 467 6.72 35.64 -19.68
C THR B 467 5.73 34.49 -19.70
N GLU B 468 6.24 33.28 -19.51
CA GLU B 468 5.38 32.10 -19.60
C GLU B 468 4.44 32.01 -18.37
N GLU B 469 4.88 32.52 -17.23
CA GLU B 469 4.02 32.55 -16.07
C GLU B 469 2.88 33.55 -16.25
N ARG B 470 3.12 34.61 -17.02
CA ARG B 470 2.06 35.54 -17.37
C ARG B 470 1.04 34.76 -18.21
N ILE B 471 1.53 34.03 -19.20
CA ILE B 471 0.69 33.24 -20.12
C ILE B 471 -0.10 32.13 -19.42
N PHE B 472 0.52 31.51 -18.43
CA PHE B 472 -0.09 30.44 -17.66
C PHE B 472 -1.20 31.02 -16.83
N ALA B 473 -0.91 32.16 -16.20
CA ALA B 473 -1.87 32.86 -15.36
C ALA B 473 -3.14 33.14 -16.16
N GLN B 474 -2.97 33.59 -17.40
CA GLN B 474 -4.13 33.94 -18.23
C GLN B 474 -4.98 32.70 -18.49
N ARG B 475 -4.31 31.56 -18.66
CA ARG B 475 -4.98 30.29 -18.87
C ARG B 475 -5.85 29.96 -17.68
N LEU B 476 -5.29 30.08 -16.47
CA LEU B 476 -6.03 29.73 -15.27
C LEU B 476 -7.19 30.68 -15.01
N MET B 477 -6.93 31.97 -15.20
CA MET B 477 -7.97 32.97 -15.07
C MET B 477 -9.13 32.64 -15.98
N LYS B 478 -8.82 32.13 -17.18
CA LYS B 478 -9.86 31.80 -18.12
C LYS B 478 -10.59 30.50 -17.73
N TYR B 479 -9.91 29.58 -17.05
CA TYR B 479 -10.55 28.34 -16.62
C TYR B 479 -11.59 28.68 -15.59
N TRP B 480 -11.17 29.50 -14.64
CA TRP B 480 -11.96 29.80 -13.47
C TRP B 480 -13.19 30.59 -13.88
N THR B 481 -12.99 31.63 -14.68
CA THR B 481 -14.11 32.45 -15.10
C THR B 481 -15.02 31.71 -16.05
N ASN B 482 -14.44 30.88 -16.92
CA ASN B 482 -15.28 30.09 -17.83
C ASN B 482 -16.17 29.19 -17.01
N PHE B 483 -15.61 28.71 -15.91
CA PHE B 483 -16.35 27.86 -15.01
C PHE B 483 -17.51 28.67 -14.40
N ALA B 484 -17.22 29.91 -14.03
CA ALA B 484 -18.21 30.78 -13.43
C ALA B 484 -19.38 31.08 -14.41
N ARG B 485 -19.04 31.35 -15.67
CA ARG B 485 -20.05 31.60 -16.70
C ARG B 485 -20.93 30.39 -16.99
N THR B 486 -20.34 29.20 -16.95
CA THR B 486 -21.01 28.05 -17.55
C THR B 486 -21.07 26.80 -16.68
N GLY B 487 -20.23 26.73 -15.67
CA GLY B 487 -20.08 25.49 -14.93
C GLY B 487 -19.16 24.51 -15.64
N ASP B 488 -18.36 25.03 -16.57
CA ASP B 488 -17.46 24.22 -17.40
C ASP B 488 -16.17 25.00 -17.68
N PRO B 489 -15.05 24.52 -17.14
CA PRO B 489 -13.74 25.18 -17.24
C PRO B 489 -13.28 25.42 -18.68
N ASN B 490 -13.77 24.62 -19.63
CA ASN B 490 -13.27 24.66 -20.99
C ASN B 490 -13.78 25.85 -21.78
N ASP B 491 -12.93 26.41 -22.63
CA ASP B 491 -13.33 27.43 -23.57
C ASP B 491 -14.32 26.84 -24.57
N PRO B 492 -15.45 27.54 -24.83
CA PRO B 492 -16.40 27.04 -25.83
C PRO B 492 -16.01 27.43 -27.25
N ARG B 493 -14.85 28.06 -27.41
CA ARG B 493 -14.43 28.59 -28.71
C ARG B 493 -13.20 27.89 -29.26
N ASP B 494 -12.30 27.44 -28.38
CA ASP B 494 -11.13 26.71 -28.86
C ASP B 494 -11.52 25.26 -29.17
N SER B 495 -10.95 24.74 -30.25
CA SER B 495 -11.35 23.43 -30.75
C SER B 495 -10.20 22.45 -30.67
N LYS B 496 -9.37 22.56 -29.63
CA LYS B 496 -8.18 21.72 -29.54
C LYS B 496 -8.13 20.87 -28.28
N SER B 497 -7.95 19.57 -28.51
CA SER B 497 -7.84 18.55 -27.48
C SER B 497 -6.39 18.34 -27.04
N PRO B 498 -6.18 17.96 -25.76
CA PRO B 498 -7.24 17.59 -24.80
C PRO B 498 -8.10 18.72 -24.19
N GLN B 499 -9.28 18.29 -23.76
CA GLN B 499 -10.20 19.09 -22.98
C GLN B 499 -10.18 18.63 -21.54
N TRP B 500 -10.65 19.47 -20.63
CA TRP B 500 -10.73 19.10 -19.22
C TRP B 500 -11.98 18.26 -19.00
N PRO B 501 -11.82 16.95 -18.74
CA PRO B 501 -13.02 16.14 -18.61
C PRO B 501 -13.52 16.11 -17.18
N PRO B 502 -14.83 15.92 -16.99
CA PRO B 502 -15.44 15.78 -15.66
C PRO B 502 -14.85 14.62 -14.86
N TYR B 503 -14.58 14.82 -13.57
CA TYR B 503 -14.26 13.72 -12.66
C TYR B 503 -15.47 12.82 -12.48
N THR B 504 -15.28 11.52 -12.64
CA THR B 504 -16.34 10.55 -12.42
C THR B 504 -15.82 9.43 -11.55
N THR B 505 -16.71 8.76 -10.84
CA THR B 505 -16.28 7.68 -9.96
C THR B 505 -15.66 6.56 -10.78
N ALA B 506 -16.21 6.35 -11.98
CA ALA B 506 -15.72 5.30 -12.86
C ALA B 506 -14.30 5.58 -13.34
N ALA B 507 -14.14 6.67 -14.07
CA ALA B 507 -12.87 7.00 -14.71
C ALA B 507 -11.91 7.84 -13.87
N GLN B 508 -12.41 8.46 -12.81
CA GLN B 508 -11.59 9.30 -11.92
C GLN B 508 -10.60 10.20 -12.66
N GLN B 509 -11.08 10.88 -13.71
CA GLN B 509 -10.20 11.72 -14.53
C GLN B 509 -9.96 13.11 -13.91
N TYR B 510 -8.70 13.56 -13.90
CA TYR B 510 -8.37 14.92 -13.45
C TYR B 510 -7.27 15.48 -14.37
N VAL B 511 -6.94 16.76 -14.24
CA VAL B 511 -5.91 17.30 -15.12
C VAL B 511 -4.81 17.98 -14.34
N SER B 512 -3.72 18.26 -15.06
CA SER B 512 -2.56 18.86 -14.45
C SER B 512 -2.42 20.28 -14.95
N LEU B 513 -2.41 21.22 -14.01
CA LEU B 513 -2.16 22.61 -14.34
C LEU B 513 -0.66 22.89 -14.18
N ASN B 514 0.03 23.07 -15.28
CA ASN B 514 1.40 23.55 -15.23
C ASN B 514 1.69 24.24 -16.54
N LEU B 515 2.96 24.57 -16.76
CA LEU B 515 3.33 25.32 -17.94
C LEU B 515 3.02 24.59 -19.25
N LYS B 516 3.15 23.26 -19.22
CA LYS B 516 2.83 22.43 -20.38
C LYS B 516 1.32 22.39 -20.59
N PRO B 517 0.88 22.09 -21.83
CA PRO B 517 -0.55 21.95 -22.11
C PRO B 517 -1.24 20.95 -21.19
N LEU B 518 -2.56 21.08 -21.08
N LEU B 518 -2.56 21.07 -21.09
CA LEU B 518 -3.38 20.19 -20.26
CA LEU B 518 -3.34 20.22 -20.20
C LEU B 518 -3.04 18.73 -20.48
C LEU B 518 -3.09 18.74 -20.47
N GLU B 519 -3.00 17.96 -19.40
CA GLU B 519 -2.72 16.55 -19.49
C GLU B 519 -3.71 15.84 -18.58
N VAL B 520 -4.37 14.82 -19.11
CA VAL B 520 -5.42 14.11 -18.39
C VAL B 520 -4.84 12.88 -17.72
N ARG B 521 -5.00 12.79 -16.41
CA ARG B 521 -4.56 11.63 -15.66
C ARG B 521 -5.75 10.90 -15.06
N ARG B 522 -5.57 9.64 -14.68
CA ARG B 522 -6.65 8.90 -14.06
C ARG B 522 -6.25 8.50 -12.66
N GLY B 523 -7.20 8.59 -11.73
CA GLY B 523 -6.96 8.20 -10.36
C GLY B 523 -6.21 9.27 -9.61
N LEU B 524 -6.90 9.89 -8.68
CA LEU B 524 -6.31 10.92 -7.86
C LEU B 524 -5.74 10.26 -6.60
N ARG B 525 -4.49 9.80 -6.71
CA ARG B 525 -3.77 9.11 -5.65
C ARG B 525 -4.57 7.92 -5.14
N ALA B 526 -5.20 7.21 -6.06
CA ALA B 526 -6.23 6.22 -5.74
C ALA B 526 -5.83 5.18 -4.68
N GLN B 527 -4.67 4.54 -4.84
CA GLN B 527 -4.26 3.49 -3.91
C GLN B 527 -4.06 4.07 -2.51
N THR B 528 -3.31 5.16 -2.43
CA THR B 528 -3.02 5.81 -1.15
C THR B 528 -4.28 6.39 -0.48
N CYS B 529 -5.21 6.89 -1.26
CA CYS B 529 -6.39 7.45 -0.64
C CYS B 529 -7.32 6.35 -0.15
N ALA B 530 -7.30 5.20 -0.81
CA ALA B 530 -8.05 4.06 -0.31
C ALA B 530 -7.59 3.73 1.11
N PHE B 531 -6.29 3.80 1.33
CA PHE B 531 -5.72 3.55 2.64
C PHE B 531 -6.31 4.51 3.67
N TRP B 532 -6.28 5.80 3.36
CA TRP B 532 -6.71 6.83 4.30
C TRP B 532 -8.22 6.84 4.47
N ASN B 533 -8.95 6.66 3.38
CA ASN B 533 -10.40 6.84 3.42
C ASN B 533 -11.14 5.57 3.78
N ARG B 534 -10.63 4.43 3.32
CA ARG B 534 -11.31 3.16 3.54
C ARG B 534 -10.74 2.39 4.72
N PHE B 535 -9.42 2.24 4.79
CA PHE B 535 -8.86 1.34 5.81
C PHE B 535 -8.63 2.00 7.16
N LEU B 536 -7.90 3.09 7.15
CA LEU B 536 -7.51 3.75 8.38
C LEU B 536 -8.70 3.94 9.36
N PRO B 537 -9.87 4.40 8.87
CA PRO B 537 -11.04 4.46 9.76
C PRO B 537 -11.40 3.12 10.43
N LYS B 538 -11.40 2.02 9.70
CA LYS B 538 -11.75 0.73 10.28
C LYS B 538 -10.75 0.38 11.37
N LEU B 539 -9.56 0.95 11.26
CA LEU B 539 -8.46 0.62 12.14
C LEU B 539 -8.46 1.39 13.45
N LEU B 540 -8.68 2.69 13.39
CA LEU B 540 -8.82 3.47 14.62
C LEU B 540 -10.08 3.00 15.36
N SER B 541 -11.09 2.64 14.56
CA SER B 541 -12.37 2.12 15.06
C SER B 541 -12.24 0.68 15.60
N ALA B 542 -11.01 0.24 15.81
CA ALA B 542 -10.72 -1.05 16.44
C ALA B 542 -9.48 -0.91 17.34
N THR B 543 -9.37 0.26 17.98
CA THR B 543 -8.34 0.51 19.00
C THR B 543 -8.86 1.60 19.97
#